data_4GTO
#
_entry.id   4GTO
#
_cell.length_a   172.704
_cell.length_b   172.704
_cell.length_c   69.586
_cell.angle_alpha   90.00
_cell.angle_beta   90.00
_cell.angle_gamma   120.00
#
_symmetry.space_group_name_H-M   'P 61'
#
loop_
_entity.id
_entity.type
_entity.pdbx_description
1 polymer 'Protein farnesyltransferase/geranylgeranyltransferase type-1 subunit alpha'
2 polymer 'Protein farnesyltransferase subunit beta'
3 non-polymer 'ZINC ION'
4 non-polymer '4-({(3R)-7-cyano-4-[(4-methoxyphenyl)sulfonyl]-1-[(1-methyl-1H-imidazol-5-yl)methyl]-2,3,4,5-tetrahydro-1H-1,4-benzodiazepin-3-yl}methyl)phenyl trifluoromethanesulfonate'
5 non-polymer 'FARNESYL DIPHOSPHATE'
6 non-polymer 'DIMETHYL SULFOXIDE'
7 water water
#
loop_
_entity_poly.entity_id
_entity_poly.type
_entity_poly.pdbx_seq_one_letter_code
_entity_poly.pdbx_strand_id
1 'polypeptide(L)'
;MAATEGVGESAPGGEPGQPEQPPPPPPPPPAQQPQEEEMAAEAGEAAASPMDDGFLSLDSPTYVLYRDRAEWADIDPVPQ
NDGPSPVVQIIYSEKFRDVYDYFRAVLQRDERSERAFKLTRDAIELNAANYTVWHFRRVLLRSLQKDLQEEMNYIIAIIE
EQPKNYQVWHHRRVLVEWLKDPSQELEFIADILNQDAKNYHAWQHRQWVIQEFRLWDNELQYVDQLLKEDVRNNSVWNQR
HFVISNTTGYSDRAVLEREVQYTLEMIKLVPHNESAWNYLKGILQDRGLSRYPNLLNQLLDLQPSHSSPYLIAFLVDIYE
DMLENQCDNKEDILNKALELCEILAKEKDTIRKEYWRYIGRSLQSKHSRESDIPASV
;
A
2 'polypeptide(L)'
;MASSSSFTYYCPPSSSPVWSEPLYSLRPEHARERLQDDSVETVTSIEQAKVEEKIQEVFSSYKFNHLVPRLVLQREKHFH
YLKRGLRQLTDAYECLDASRPWLCYWILHSLELLDEPIPQIVATDVCQFLELCQSPDGGFGGGPGQYPHLAPTYAAVNAL
CIIGTEEAYNVINREKLLQYLYSLKQPDGSFLMHVGGEVDVRSAYCAASVASLTNIITPDLFEGTAEWIARCQNWEGGIG
GVPGMEAHGGYTFCGLAALVILKKERSLNLKSLLQWVTSRQMRFEGGFQGRCNKLVDGCYSFWQAGLLPLLHRALHAQGD
PALSMSHWMFHQQALQEYILMCCQCPAGGLLDKPGKSRDFYHTCYCLSGLSIAQHFGSGAMLHDVVMGVPENVLQPTHPV
YNIGPDKVIQATTHFLQKPVPGFEECE
;
B
#
# COMPACT_ATOMS: atom_id res chain seq x y z
N GLY A 54 -14.21 -13.33 -29.14
CA GLY A 54 -13.53 -12.11 -29.67
C GLY A 54 -13.72 -11.80 -31.14
N PHE A 55 -14.82 -12.28 -31.72
CA PHE A 55 -15.12 -12.08 -33.13
C PHE A 55 -15.50 -10.62 -33.46
N LEU A 56 -16.35 -9.98 -32.67
CA LEU A 56 -16.66 -8.58 -32.91
C LEU A 56 -16.17 -7.65 -31.79
N SER A 57 -15.24 -6.78 -32.10
CA SER A 57 -14.53 -5.95 -31.15
C SER A 57 -15.44 -4.90 -30.53
N LEU A 58 -15.24 -4.63 -29.24
CA LEU A 58 -15.99 -3.58 -28.53
C LEU A 58 -15.86 -2.18 -29.14
N ASP A 59 -14.74 -1.90 -29.81
CA ASP A 59 -14.53 -0.59 -30.47
C ASP A 59 -14.72 -0.65 -32.00
N SER A 60 -15.32 -1.73 -32.49
CA SER A 60 -15.71 -1.84 -33.89
C SER A 60 -16.78 -0.84 -34.25
N PRO A 61 -16.67 -0.18 -35.43
CA PRO A 61 -17.79 0.67 -35.83
C PRO A 61 -19.09 -0.12 -36.00
N THR A 62 -18.96 -1.40 -36.27
CA THR A 62 -20.09 -2.28 -36.45
C THR A 62 -20.51 -3.08 -35.22
N TYR A 63 -19.90 -2.78 -34.08
CA TYR A 63 -20.32 -3.37 -32.80
C TYR A 63 -21.81 -3.18 -32.63
N VAL A 64 -22.46 -4.23 -32.17
CA VAL A 64 -23.90 -4.28 -31.94
C VAL A 64 -24.16 -4.80 -30.52
N LEU A 65 -25.08 -4.18 -29.80
CA LEU A 65 -25.46 -4.65 -28.48
C LEU A 65 -25.95 -6.11 -28.51
N TYR A 66 -25.63 -6.86 -27.45
CA TYR A 66 -26.03 -8.27 -27.33
C TYR A 66 -27.54 -8.44 -27.42
N ARG A 67 -28.28 -7.44 -26.93
CA ARG A 67 -29.73 -7.43 -27.05
C ARG A 67 -30.26 -7.32 -28.49
N ASP A 68 -29.39 -6.92 -29.42
CA ASP A 68 -29.71 -6.80 -30.86
C ASP A 68 -29.05 -7.91 -31.72
N ARG A 69 -28.49 -8.92 -31.03
CA ARG A 69 -27.85 -10.08 -31.68
C ARG A 69 -28.80 -11.26 -31.70
N ALA A 70 -29.07 -11.80 -32.88
CA ALA A 70 -30.05 -12.88 -33.04
C ALA A 70 -29.57 -14.19 -32.42
N GLU A 71 -28.26 -14.42 -32.44
CA GLU A 71 -27.68 -15.61 -31.81
C GLU A 71 -27.75 -15.59 -30.27
N TRP A 72 -28.32 -14.53 -29.69
CA TRP A 72 -28.57 -14.44 -28.25
C TRP A 72 -30.06 -14.34 -27.92
N ALA A 73 -30.92 -14.48 -28.94
CA ALA A 73 -32.36 -14.20 -28.80
C ALA A 73 -33.08 -15.17 -27.86
N ASP A 74 -32.53 -16.36 -27.67
CA ASP A 74 -33.13 -17.35 -26.79
C ASP A 74 -32.98 -17.03 -25.32
N ILE A 75 -32.05 -16.16 -24.95
CA ILE A 75 -31.75 -15.95 -23.54
C ILE A 75 -32.18 -14.56 -23.10
N ASP A 76 -32.76 -14.50 -21.91
CA ASP A 76 -33.20 -13.24 -21.35
C ASP A 76 -32.11 -12.65 -20.48
N PRO A 77 -31.75 -11.39 -20.73
CA PRO A 77 -30.76 -10.74 -19.87
C PRO A 77 -31.22 -10.69 -18.41
N VAL A 78 -30.28 -10.55 -17.51
CA VAL A 78 -30.57 -10.50 -16.09
C VAL A 78 -30.08 -9.16 -15.56
N PRO A 79 -31.02 -8.22 -15.32
CA PRO A 79 -30.66 -6.92 -14.80
C PRO A 79 -30.06 -7.01 -13.41
N GLN A 80 -29.16 -6.10 -13.10
CA GLN A 80 -28.56 -6.08 -11.80
C GLN A 80 -29.63 -5.69 -10.81
N ASN A 81 -29.71 -6.43 -9.72
CA ASN A 81 -30.60 -6.03 -8.65
C ASN A 81 -29.79 -5.27 -7.60
N ASP A 82 -30.06 -3.97 -7.53
CA ASP A 82 -29.42 -3.06 -6.59
C ASP A 82 -30.37 -2.67 -5.46
N GLY A 83 -31.60 -3.19 -5.50
CA GLY A 83 -32.61 -2.90 -4.50
C GLY A 83 -33.49 -1.72 -4.91
N PRO A 84 -34.62 -1.52 -4.19
CA PRO A 84 -35.52 -0.38 -4.33
C PRO A 84 -34.85 1.01 -4.29
N SER A 85 -33.93 1.21 -3.36
CA SER A 85 -33.15 2.45 -3.33
C SER A 85 -31.61 2.30 -3.20
N PRO A 86 -30.94 2.19 -4.33
CA PRO A 86 -29.50 1.97 -4.39
C PRO A 86 -28.60 3.04 -3.75
N VAL A 87 -27.45 2.59 -3.22
CA VAL A 87 -26.30 3.45 -2.91
C VAL A 87 -25.15 3.11 -3.86
N VAL A 88 -24.17 4.01 -3.95
CA VAL A 88 -23.03 3.88 -4.84
C VAL A 88 -23.44 3.28 -6.19
N GLN A 89 -24.53 3.80 -6.74
CA GLN A 89 -25.09 3.29 -7.97
C GLN A 89 -24.35 3.88 -9.15
N ILE A 90 -23.70 3.01 -9.93
CA ILE A 90 -22.96 3.45 -11.10
C ILE A 90 -23.95 3.55 -12.26
N ILE A 91 -23.98 4.70 -12.93
CA ILE A 91 -24.87 4.86 -14.07
C ILE A 91 -24.14 4.39 -15.34
N TYR A 92 -24.16 3.07 -15.57
CA TYR A 92 -23.31 2.48 -16.61
C TYR A 92 -23.69 3.00 -17.98
N SER A 93 -22.73 3.01 -18.90
CA SER A 93 -23.04 3.14 -20.33
C SER A 93 -23.95 1.98 -20.78
N GLU A 94 -24.64 2.23 -21.87
CA GLU A 94 -25.51 1.27 -22.48
C GLU A 94 -24.73 -0.01 -22.82
N LYS A 95 -23.56 0.14 -23.40
CA LYS A 95 -22.64 -0.95 -23.74
C LYS A 95 -22.26 -1.84 -22.56
N PHE A 96 -21.90 -1.21 -21.44
CA PHE A 96 -21.43 -1.90 -20.25
C PHE A 96 -22.58 -2.69 -19.66
N ARG A 97 -23.73 -2.03 -19.47
CA ARG A 97 -24.91 -2.65 -18.86
CA ARG A 97 -24.91 -2.66 -18.85
C ARG A 97 -25.40 -3.85 -19.67
N ASP A 98 -25.45 -3.68 -20.99
CA ASP A 98 -25.83 -4.73 -21.93
C ASP A 98 -24.92 -5.97 -21.80
N VAL A 99 -23.62 -5.77 -21.81
CA VAL A 99 -22.69 -6.89 -21.63
C VAL A 99 -22.92 -7.59 -20.27
N TYR A 100 -23.06 -6.80 -19.21
CA TYR A 100 -23.15 -7.38 -17.87
C TYR A 100 -24.52 -8.01 -17.58
N ASP A 101 -25.58 -7.49 -18.17
CA ASP A 101 -26.91 -8.12 -18.11
C ASP A 101 -26.85 -9.52 -18.69
N TYR A 102 -26.18 -9.66 -19.83
CA TYR A 102 -26.04 -10.95 -20.48
C TYR A 102 -25.00 -11.82 -19.76
N PHE A 103 -23.94 -11.22 -19.21
CA PHE A 103 -23.02 -12.00 -18.37
C PHE A 103 -23.73 -12.60 -17.17
N ARG A 104 -24.57 -11.80 -16.54
CA ARG A 104 -25.36 -12.30 -15.41
C ARG A 104 -26.26 -13.46 -15.81
N ALA A 105 -26.81 -13.42 -17.02
CA ALA A 105 -27.64 -14.49 -17.53
C ALA A 105 -26.84 -15.79 -17.69
N VAL A 106 -25.69 -15.73 -18.37
CA VAL A 106 -24.92 -16.97 -18.57
C VAL A 106 -24.32 -17.52 -17.27
N LEU A 107 -23.90 -16.62 -16.36
CA LEU A 107 -23.36 -17.05 -15.07
C LEU A 107 -24.44 -17.77 -14.27
N GLN A 108 -25.59 -17.09 -14.16
CA GLN A 108 -26.78 -17.62 -13.48
C GLN A 108 -27.14 -19.03 -13.92
N ARG A 109 -27.22 -19.25 -15.23
CA ARG A 109 -27.57 -20.56 -15.77
C ARG A 109 -26.38 -21.51 -15.84
N ASP A 110 -25.17 -21.01 -15.56
CA ASP A 110 -23.93 -21.75 -15.70
C ASP A 110 -23.77 -22.30 -17.11
N GLU A 111 -24.05 -21.46 -18.11
CA GLU A 111 -23.93 -21.85 -19.51
C GLU A 111 -22.46 -21.87 -19.93
N ARG A 112 -21.96 -23.08 -20.15
CA ARG A 112 -20.56 -23.28 -20.49
C ARG A 112 -20.46 -23.43 -22.00
N SER A 113 -20.55 -22.31 -22.72
CA SER A 113 -20.60 -22.33 -24.16
C SER A 113 -19.58 -21.39 -24.75
N GLU A 114 -19.30 -21.59 -26.04
CA GLU A 114 -18.41 -20.73 -26.79
C GLU A 114 -18.89 -19.27 -26.81
N ARG A 115 -20.19 -19.07 -26.96
CA ARG A 115 -20.73 -17.71 -26.91
C ARG A 115 -20.49 -17.05 -25.53
N ALA A 116 -20.63 -17.84 -24.46
CA ALA A 116 -20.36 -17.36 -23.12
C ALA A 116 -18.90 -16.95 -22.97
N PHE A 117 -18.00 -17.78 -23.52
CA PHE A 117 -16.55 -17.54 -23.47
C PHE A 117 -16.19 -16.22 -24.15
N LYS A 118 -16.72 -16.03 -25.35
CA LYS A 118 -16.54 -14.77 -26.07
C LYS A 118 -17.11 -13.56 -25.31
N LEU A 119 -18.20 -13.77 -24.60
CA LEU A 119 -18.79 -12.70 -23.78
C LEU A 119 -17.87 -12.29 -22.61
N THR A 120 -17.16 -13.25 -22.00
CA THR A 120 -16.28 -12.94 -20.85
C THR A 120 -15.19 -11.96 -21.29
N ARG A 121 -14.79 -12.12 -22.53
CA ARG A 121 -13.82 -11.25 -23.12
C ARG A 121 -14.27 -9.80 -23.07
N ASP A 122 -15.52 -9.57 -23.48
CA ASP A 122 -16.07 -8.23 -23.49
C ASP A 122 -16.27 -7.71 -22.09
N ALA A 123 -16.70 -8.59 -21.18
CA ALA A 123 -16.96 -8.16 -19.80
C ALA A 123 -15.63 -7.80 -19.13
N ILE A 124 -14.58 -8.55 -19.46
CA ILE A 124 -13.24 -8.28 -18.93
C ILE A 124 -12.72 -6.95 -19.47
N GLU A 125 -12.82 -6.78 -20.78
CA GLU A 125 -12.41 -5.54 -21.39
C GLU A 125 -13.10 -4.33 -20.77
N LEU A 126 -14.36 -4.46 -20.40
CA LEU A 126 -15.07 -3.33 -19.80
C LEU A 126 -14.72 -3.11 -18.31
N ASN A 127 -14.39 -4.19 -17.60
CA ASN A 127 -13.90 -4.09 -16.21
C ASN A 127 -13.02 -5.29 -15.91
N ALA A 128 -11.73 -5.12 -16.15
CA ALA A 128 -10.76 -6.21 -16.03
C ALA A 128 -10.48 -6.54 -14.57
N ALA A 129 -10.99 -5.72 -13.65
CA ALA A 129 -10.89 -6.01 -12.21
C ALA A 129 -12.02 -6.92 -11.72
N ASN A 130 -12.96 -7.27 -12.59
CA ASN A 130 -14.06 -8.14 -12.15
C ASN A 130 -13.60 -9.59 -12.02
N TYR A 131 -13.26 -9.97 -10.80
CA TYR A 131 -12.68 -11.29 -10.52
C TYR A 131 -13.71 -12.42 -10.69
N THR A 132 -15.00 -12.11 -10.53
CA THR A 132 -16.07 -13.07 -10.83
C THR A 132 -16.04 -13.50 -12.31
N VAL A 133 -15.85 -12.55 -13.21
CA VAL A 133 -15.80 -12.86 -14.65
C VAL A 133 -14.54 -13.68 -14.99
N TRP A 134 -13.40 -13.31 -14.40
CA TRP A 134 -12.16 -14.09 -14.61
C TRP A 134 -12.34 -15.54 -14.11
N HIS A 135 -12.98 -15.71 -12.97
CA HIS A 135 -13.22 -17.07 -12.47
C HIS A 135 -14.05 -17.88 -13.47
N PHE A 136 -15.12 -17.27 -13.96
CA PHE A 136 -15.98 -17.96 -14.93
C PHE A 136 -15.25 -18.24 -16.22
N ARG A 137 -14.38 -17.33 -16.65
CA ARG A 137 -13.64 -17.54 -17.87
C ARG A 137 -12.73 -18.77 -17.72
N ARG A 138 -12.13 -18.91 -16.54
CA ARG A 138 -11.32 -20.08 -16.24
C ARG A 138 -12.14 -21.38 -16.17
N VAL A 139 -13.34 -21.34 -15.60
CA VAL A 139 -14.25 -22.50 -15.71
C VAL A 139 -14.49 -22.90 -17.17
N LEU A 140 -14.67 -21.90 -18.04
CA LEU A 140 -14.95 -22.14 -19.45
C LEU A 140 -13.74 -22.66 -20.21
N LEU A 141 -12.57 -22.11 -19.94
CA LEU A 141 -11.34 -22.60 -20.56
C LEU A 141 -11.20 -24.11 -20.38
N ARG A 142 -11.51 -24.58 -19.20
CA ARG A 142 -11.43 -25.97 -18.88
C ARG A 142 -12.57 -26.81 -19.39
N SER A 143 -13.81 -26.36 -19.21
CA SER A 143 -14.97 -27.10 -19.76
C SER A 143 -14.91 -27.22 -21.27
N LEU A 144 -14.57 -26.12 -21.94
CA LEU A 144 -14.55 -26.12 -23.40
C LEU A 144 -13.25 -26.68 -23.96
N GLN A 145 -12.33 -27.03 -23.07
CA GLN A 145 -11.00 -27.50 -23.46
C GLN A 145 -10.41 -26.57 -24.49
N LYS A 146 -10.35 -25.29 -24.14
CA LYS A 146 -9.78 -24.28 -25.00
C LYS A 146 -8.28 -24.43 -25.01
N ASP A 147 -7.70 -24.09 -26.15
CA ASP A 147 -6.27 -24.15 -26.36
C ASP A 147 -5.65 -23.05 -25.51
N LEU A 148 -4.82 -23.45 -24.55
CA LEU A 148 -4.30 -22.51 -23.56
C LEU A 148 -3.19 -21.63 -24.11
N GLN A 149 -2.65 -22.00 -25.26
CA GLN A 149 -1.64 -21.21 -25.92
C GLN A 149 -2.20 -20.00 -26.61
N GLU A 150 -3.38 -20.10 -27.21
CA GLU A 150 -4.05 -18.93 -27.73
C GLU A 150 -4.52 -18.06 -26.57
N GLU A 151 -4.88 -18.69 -25.44
CA GLU A 151 -5.25 -17.94 -24.24
C GLU A 151 -4.04 -17.19 -23.63
N MET A 152 -2.83 -17.77 -23.76
CA MET A 152 -1.60 -17.05 -23.42
C MET A 152 -1.35 -15.85 -24.31
N ASN A 153 -1.61 -16.00 -25.60
CA ASN A 153 -1.52 -14.90 -26.55
C ASN A 153 -2.46 -13.77 -26.16
N TYR A 154 -3.65 -14.17 -25.73
CA TYR A 154 -4.66 -13.23 -25.24
C TYR A 154 -4.23 -12.46 -23.98
N ILE A 155 -3.77 -13.18 -22.96
CA ILE A 155 -3.36 -12.53 -21.70
C ILE A 155 -2.13 -11.61 -21.89
N ILE A 156 -1.27 -11.99 -22.80
CA ILE A 156 -0.12 -11.18 -23.17
C ILE A 156 -0.52 -9.79 -23.67
N ALA A 157 -1.51 -9.77 -24.54
CA ALA A 157 -2.05 -8.52 -25.10
C ALA A 157 -2.76 -7.64 -24.05
N ILE A 158 -3.57 -8.27 -23.20
CA ILE A 158 -4.27 -7.53 -22.14
C ILE A 158 -3.32 -6.97 -21.07
N ILE A 159 -2.33 -7.77 -20.67
CA ILE A 159 -1.31 -7.28 -19.73
C ILE A 159 -0.56 -6.11 -20.33
N GLU A 160 -0.18 -6.17 -21.60
CA GLU A 160 0.50 -5.03 -22.22
C GLU A 160 -0.31 -3.76 -22.03
N GLU A 161 -1.63 -3.87 -22.25
CA GLU A 161 -2.58 -2.75 -22.15
C GLU A 161 -2.87 -2.26 -20.72
N GLN A 162 -2.98 -3.19 -19.77
CA GLN A 162 -3.34 -2.87 -18.38
C GLN A 162 -2.36 -3.52 -17.42
N PRO A 163 -1.08 -3.09 -17.48
CA PRO A 163 -0.01 -3.77 -16.74
C PRO A 163 -0.12 -3.67 -15.20
N LYS A 164 -0.87 -2.70 -14.69
CA LYS A 164 -0.99 -2.53 -13.22
C LYS A 164 -2.23 -3.21 -12.64
N ASN A 165 -2.96 -3.94 -13.46
CA ASN A 165 -4.12 -4.67 -13.00
C ASN A 165 -3.66 -6.02 -12.44
N TYR A 166 -4.08 -6.32 -11.22
CA TYR A 166 -3.71 -7.57 -10.59
C TYR A 166 -4.30 -8.83 -11.24
N GLN A 167 -5.58 -8.79 -11.61
CA GLN A 167 -6.26 -10.01 -12.07
CA GLN A 167 -6.22 -10.03 -12.03
C GLN A 167 -5.61 -10.60 -13.33
N VAL A 168 -5.06 -9.75 -14.18
CA VAL A 168 -4.47 -10.23 -15.44
C VAL A 168 -3.19 -11.06 -15.24
N TRP A 169 -2.40 -10.65 -14.25
CA TRP A 169 -1.17 -11.34 -13.89
C TRP A 169 -1.50 -12.66 -13.22
N HIS A 170 -2.48 -12.64 -12.32
CA HIS A 170 -2.91 -13.89 -11.70
C HIS A 170 -3.37 -14.89 -12.77
N HIS A 171 -4.13 -14.40 -13.75
CA HIS A 171 -4.64 -15.28 -14.79
C HIS A 171 -3.49 -15.92 -15.55
N ARG A 172 -2.49 -15.12 -15.93
CA ARG A 172 -1.28 -15.63 -16.57
C ARG A 172 -0.55 -16.72 -15.78
N ARG A 173 -0.50 -16.56 -14.46
CA ARG A 173 0.18 -17.53 -13.60
C ARG A 173 -0.58 -18.85 -13.55
N VAL A 174 -1.91 -18.79 -13.51
CA VAL A 174 -2.73 -20.00 -13.61
C VAL A 174 -2.46 -20.75 -14.91
N LEU A 175 -2.30 -20.03 -16.02
CA LEU A 175 -2.05 -20.67 -17.33
C LEU A 175 -0.67 -21.30 -17.37
N VAL A 176 0.35 -20.57 -16.90
CA VAL A 176 1.70 -21.11 -16.79
C VAL A 176 1.70 -22.38 -15.93
N GLU A 177 1.02 -22.33 -14.78
CA GLU A 177 0.85 -23.51 -13.92
C GLU A 177 0.19 -24.66 -14.70
N TRP A 178 -0.90 -24.37 -15.41
CA TRP A 178 -1.65 -25.42 -16.15
C TRP A 178 -0.81 -26.05 -17.25
N LEU A 179 -0.08 -25.20 -17.96
CA LEU A 179 0.77 -25.63 -19.06
C LEU A 179 2.11 -26.20 -18.57
N LYS A 180 2.45 -25.91 -17.33
CA LYS A 180 3.76 -26.19 -16.79
C LYS A 180 4.84 -25.73 -17.72
N ASP A 181 4.75 -24.51 -18.22
CA ASP A 181 5.66 -23.99 -19.23
C ASP A 181 6.03 -22.52 -19.02
N PRO A 182 7.27 -22.24 -18.55
CA PRO A 182 7.76 -20.89 -18.29
C PRO A 182 8.56 -20.27 -19.44
N SER A 183 8.62 -20.94 -20.58
CA SER A 183 9.56 -20.60 -21.65
C SER A 183 9.45 -19.17 -22.21
N GLN A 184 8.28 -18.55 -22.11
CA GLN A 184 8.06 -17.21 -22.66
C GLN A 184 8.11 -16.12 -21.58
N GLU A 185 8.15 -16.54 -20.32
CA GLU A 185 7.90 -15.63 -19.19
C GLU A 185 8.95 -14.55 -18.98
N LEU A 186 10.23 -14.93 -18.89
CA LEU A 186 11.28 -13.94 -18.60
C LEU A 186 11.38 -12.88 -19.69
N GLU A 187 11.14 -13.28 -20.93
CA GLU A 187 11.16 -12.35 -22.05
C GLU A 187 9.91 -11.46 -22.07
N PHE A 188 8.75 -12.05 -21.77
CA PHE A 188 7.53 -11.26 -21.67
C PHE A 188 7.64 -10.19 -20.58
N ILE A 189 7.98 -10.63 -19.37
CA ILE A 189 8.15 -9.75 -18.22
C ILE A 189 9.15 -8.62 -18.50
N ALA A 190 10.26 -8.97 -19.15
CA ALA A 190 11.26 -8.01 -19.55
C ALA A 190 10.71 -6.95 -20.51
N ASP A 191 9.76 -7.30 -21.38
CA ASP A 191 9.10 -6.30 -22.22
C ASP A 191 8.24 -5.32 -21.41
N ILE A 192 7.50 -5.85 -20.43
CA ILE A 192 6.68 -5.01 -19.55
C ILE A 192 7.59 -4.07 -18.79
N LEU A 193 8.66 -4.63 -18.21
CA LEU A 193 9.62 -3.86 -17.42
C LEU A 193 10.35 -2.83 -18.25
N ASN A 194 10.46 -3.11 -19.55
CA ASN A 194 11.04 -2.15 -20.49
C ASN A 194 10.20 -0.87 -20.62
N GLN A 195 8.91 -1.00 -20.36
CA GLN A 195 7.98 0.13 -20.40
C GLN A 195 7.81 0.77 -19.02
N ASP A 196 7.91 -0.06 -17.97
CA ASP A 196 7.88 0.44 -16.58
C ASP A 196 8.72 -0.50 -15.74
N ALA A 197 9.94 -0.05 -15.44
CA ALA A 197 10.96 -0.87 -14.79
C ALA A 197 10.69 -1.12 -13.33
N LYS A 198 9.64 -0.52 -12.79
CA LYS A 198 9.33 -0.63 -11.39
C LYS A 198 7.95 -1.27 -11.14
N ASN A 199 7.38 -1.88 -12.18
CA ASN A 199 6.03 -2.46 -12.09
C ASN A 199 6.03 -3.61 -11.12
N TYR A 200 5.25 -3.43 -10.06
CA TYR A 200 5.30 -4.30 -8.90
C TYR A 200 4.84 -5.69 -9.29
N HIS A 201 3.75 -5.78 -10.07
CA HIS A 201 3.24 -7.09 -10.47
C HIS A 201 4.23 -7.82 -11.36
N ALA A 202 4.92 -7.07 -12.22
CA ALA A 202 5.90 -7.66 -13.13
C ALA A 202 7.05 -8.27 -12.32
N TRP A 203 7.49 -7.56 -11.28
CA TRP A 203 8.59 -8.06 -10.46
C TRP A 203 8.18 -9.29 -9.70
N GLN A 204 6.95 -9.29 -9.18
CA GLN A 204 6.40 -10.44 -8.47
C GLN A 204 6.26 -11.68 -9.33
N HIS A 205 5.73 -11.50 -10.53
CA HIS A 205 5.58 -12.62 -11.45
C HIS A 205 6.95 -13.21 -11.80
N ARG A 206 7.93 -12.34 -12.01
CA ARG A 206 9.32 -12.75 -12.32
C ARG A 206 9.93 -13.58 -11.17
N GLN A 207 9.83 -13.05 -9.97
CA GLN A 207 10.23 -13.79 -8.79
C GLN A 207 9.53 -15.15 -8.72
N TRP A 208 8.23 -15.18 -8.97
CA TRP A 208 7.48 -16.43 -8.87
C TRP A 208 7.95 -17.45 -9.89
N VAL A 209 8.15 -16.98 -11.13
CA VAL A 209 8.58 -17.82 -12.23
C VAL A 209 9.97 -18.40 -11.98
N ILE A 210 10.89 -17.54 -11.55
CA ILE A 210 12.28 -17.92 -11.25
C ILE A 210 12.32 -18.94 -10.12
N GLN A 211 11.56 -18.69 -9.12
CA GLN A 211 11.52 -19.58 -8.01
C GLN A 211 10.92 -20.92 -8.36
N GLU A 212 9.77 -20.91 -9.00
CA GLU A 212 8.98 -22.13 -9.19
C GLU A 212 9.61 -23.07 -10.22
N PHE A 213 10.31 -22.51 -11.20
CA PHE A 213 10.91 -23.29 -12.27
C PHE A 213 12.43 -23.27 -12.20
N ARG A 214 12.96 -22.74 -11.10
CA ARG A 214 14.39 -22.61 -10.88
C ARG A 214 15.13 -22.08 -12.06
N LEU A 215 14.92 -20.82 -12.34
CA LEU A 215 15.53 -20.16 -13.49
C LEU A 215 16.41 -18.98 -13.05
N TRP A 216 17.37 -19.28 -12.18
CA TRP A 216 18.23 -18.27 -11.58
C TRP A 216 19.44 -17.88 -12.44
N ASP A 217 19.82 -18.75 -13.38
CA ASP A 217 21.15 -18.66 -13.98
C ASP A 217 21.50 -17.32 -14.63
N ASN A 218 20.55 -16.67 -15.29
CA ASN A 218 20.86 -15.43 -16.01
C ASN A 218 20.29 -14.15 -15.38
N GLU A 219 19.79 -14.25 -14.16
CA GLU A 219 19.06 -13.13 -13.56
C GLU A 219 20.02 -12.00 -13.15
N LEU A 220 21.18 -12.34 -12.59
CA LEU A 220 22.12 -11.32 -12.13
C LEU A 220 22.63 -10.47 -13.29
N GLN A 221 22.85 -11.09 -14.44
CA GLN A 221 23.13 -10.34 -15.66
C GLN A 221 22.02 -9.33 -15.95
N TYR A 222 20.78 -9.78 -15.83
CA TYR A 222 19.61 -8.91 -16.08
C TYR A 222 19.63 -7.73 -15.12
N VAL A 223 19.71 -8.01 -13.82
CA VAL A 223 19.88 -6.96 -12.80
C VAL A 223 20.99 -5.94 -13.14
N ASP A 224 22.14 -6.42 -13.59
CA ASP A 224 23.25 -5.53 -13.96
C ASP A 224 22.94 -4.69 -15.18
N GLN A 225 22.23 -5.26 -16.16
CA GLN A 225 21.73 -4.46 -17.28
C GLN A 225 20.88 -3.31 -16.72
N LEU A 226 19.90 -3.65 -15.88
CA LEU A 226 18.91 -2.67 -15.41
C LEU A 226 19.52 -1.67 -14.46
N LEU A 227 20.38 -2.14 -13.55
CA LEU A 227 21.11 -1.23 -12.64
C LEU A 227 21.93 -0.21 -13.41
N LYS A 228 22.41 -0.61 -14.58
CA LYS A 228 23.18 0.29 -15.43
C LYS A 228 22.25 1.31 -16.11
N GLU A 229 21.07 0.85 -16.51
CA GLU A 229 20.04 1.73 -17.06
C GLU A 229 19.56 2.76 -16.01
N ASP A 230 19.29 2.30 -14.78
CA ASP A 230 18.86 3.19 -13.69
C ASP A 230 19.31 2.64 -12.35
N VAL A 231 20.43 3.20 -11.87
CA VAL A 231 21.02 2.75 -10.61
C VAL A 231 20.18 3.19 -9.39
N ARG A 232 19.16 4.04 -9.59
CA ARG A 232 18.21 4.40 -8.52
C ARG A 232 16.96 3.49 -8.48
N ASN A 233 16.90 2.46 -9.31
CA ASN A 233 15.72 1.59 -9.36
C ASN A 233 15.73 0.61 -8.19
N ASN A 234 14.98 0.96 -7.15
CA ASN A 234 14.91 0.16 -5.94
C ASN A 234 14.40 -1.27 -6.17
N SER A 235 13.57 -1.44 -7.19
CA SER A 235 13.08 -2.76 -7.55
C SER A 235 14.26 -3.65 -7.99
N VAL A 236 15.22 -3.07 -8.69
CA VAL A 236 16.38 -3.83 -9.20
C VAL A 236 17.38 -4.17 -8.07
N TRP A 237 17.57 -3.26 -7.11
CA TRP A 237 18.39 -3.54 -5.91
C TRP A 237 17.76 -4.65 -5.10
N ASN A 238 16.44 -4.63 -5.01
CA ASN A 238 15.73 -5.72 -4.38
C ASN A 238 15.87 -7.03 -5.17
N GLN A 239 15.85 -6.96 -6.50
CA GLN A 239 16.01 -8.17 -7.32
C GLN A 239 17.43 -8.74 -7.15
N ARG A 240 18.44 -7.86 -7.19
CA ARG A 240 19.84 -8.26 -6.95
C ARG A 240 19.95 -9.07 -5.68
N HIS A 241 19.34 -8.55 -4.63
CA HIS A 241 19.35 -9.20 -3.33
C HIS A 241 18.59 -10.46 -3.34
N PHE A 242 17.50 -10.49 -4.08
CA PHE A 242 16.66 -11.69 -4.19
C PHE A 242 17.46 -12.82 -4.83
N VAL A 243 18.17 -12.52 -5.90
CA VAL A 243 18.98 -13.50 -6.61
C VAL A 243 20.15 -14.02 -5.77
N ILE A 244 20.91 -13.11 -5.17
CA ILE A 244 22.12 -13.49 -4.44
C ILE A 244 21.74 -14.33 -3.22
N SER A 245 20.75 -13.88 -2.46
CA SER A 245 20.38 -14.63 -1.25
C SER A 245 19.86 -16.03 -1.56
N ASN A 246 19.35 -16.25 -2.78
CA ASN A 246 18.81 -17.56 -3.17
C ASN A 246 19.77 -18.44 -3.98
N THR A 247 20.98 -17.93 -4.25
CA THR A 247 21.98 -18.67 -5.00
C THR A 247 23.25 -18.82 -4.14
N THR A 248 24.24 -17.93 -4.35
CA THR A 248 25.50 -17.95 -3.59
C THR A 248 25.26 -17.67 -2.11
N GLY A 249 24.45 -16.66 -1.83
CA GLY A 249 24.21 -16.22 -0.46
C GLY A 249 25.23 -15.13 -0.15
N TYR A 250 25.14 -14.55 1.03
CA TYR A 250 25.99 -13.40 1.40
C TYR A 250 27.14 -13.75 2.38
N SER A 251 27.39 -15.02 2.63
CA SER A 251 28.45 -15.42 3.55
C SER A 251 29.77 -15.77 2.88
N ASP A 252 29.69 -16.34 1.69
CA ASP A 252 30.86 -16.47 0.82
C ASP A 252 31.55 -15.10 0.77
N ARG A 253 32.73 -15.05 1.38
CA ARG A 253 33.40 -13.80 1.66
C ARG A 253 33.88 -13.09 0.39
N ALA A 254 34.17 -13.86 -0.66
CA ALA A 254 34.49 -13.28 -1.97
C ALA A 254 33.30 -12.54 -2.59
N VAL A 255 32.08 -13.05 -2.29
CA VAL A 255 30.82 -12.46 -2.79
C VAL A 255 30.44 -11.22 -1.99
N LEU A 256 30.35 -11.34 -0.67
CA LEU A 256 30.10 -10.18 0.19
C LEU A 256 31.04 -9.00 -0.11
N GLU A 257 32.30 -9.28 -0.46
CA GLU A 257 33.25 -8.21 -0.76
C GLU A 257 33.01 -7.61 -2.14
N ARG A 258 32.76 -8.46 -3.13
CA ARG A 258 32.36 -8.00 -4.47
C ARG A 258 31.17 -7.06 -4.40
N GLU A 259 30.18 -7.45 -3.59
CA GLU A 259 28.93 -6.71 -3.44
C GLU A 259 29.15 -5.36 -2.76
N VAL A 260 29.85 -5.38 -1.63
CA VAL A 260 30.20 -4.16 -0.90
C VAL A 260 31.09 -3.23 -1.73
N GLN A 261 32.06 -3.79 -2.47
CA GLN A 261 32.87 -2.96 -3.36
C GLN A 261 32.02 -2.35 -4.48
N TYR A 262 31.13 -3.15 -5.07
CA TYR A 262 30.19 -2.65 -6.09
C TYR A 262 29.35 -1.51 -5.56
N THR A 263 28.76 -1.70 -4.39
CA THR A 263 27.85 -0.69 -3.83
C THR A 263 28.60 0.60 -3.57
N LEU A 264 29.72 0.52 -2.84
CA LEU A 264 30.55 1.69 -2.58
C LEU A 264 30.93 2.39 -3.88
N GLU A 265 31.24 1.62 -4.92
CA GLU A 265 31.54 2.20 -6.22
C GLU A 265 30.33 2.97 -6.80
N MET A 266 29.11 2.41 -6.64
CA MET A 266 27.89 3.11 -7.05
C MET A 266 27.60 4.33 -6.18
N ILE A 267 27.73 4.17 -4.87
CA ILE A 267 27.60 5.29 -3.93
C ILE A 267 28.56 6.43 -4.26
N LYS A 268 29.74 6.11 -4.78
CA LYS A 268 30.72 7.13 -5.13
C LYS A 268 30.30 7.92 -6.37
N LEU A 269 29.74 7.23 -7.37
CA LEU A 269 29.27 7.90 -8.59
C LEU A 269 28.00 8.71 -8.33
N VAL A 270 27.14 8.19 -7.45
CA VAL A 270 25.86 8.83 -7.12
C VAL A 270 25.61 8.80 -5.60
N PRO A 271 26.27 9.70 -4.85
CA PRO A 271 26.20 9.73 -3.39
C PRO A 271 24.84 9.95 -2.75
N HIS A 272 23.90 10.54 -3.49
CA HIS A 272 22.56 10.80 -2.94
C HIS A 272 21.52 9.76 -3.38
N ASN A 273 21.96 8.71 -4.06
CA ASN A 273 21.11 7.55 -4.35
C ASN A 273 20.93 6.68 -3.11
N GLU A 274 19.78 6.83 -2.46
CA GLU A 274 19.44 6.11 -1.24
C GLU A 274 19.32 4.59 -1.37
N SER A 275 18.98 4.09 -2.55
CA SER A 275 18.83 2.63 -2.71
C SER A 275 20.17 1.89 -2.42
N ALA A 276 21.26 2.39 -2.99
CA ALA A 276 22.60 1.81 -2.76
C ALA A 276 22.96 1.82 -1.29
N TRP A 277 22.73 2.95 -0.61
CA TRP A 277 22.94 3.03 0.84
C TRP A 277 22.14 1.98 1.59
N ASN A 278 20.88 1.83 1.23
CA ASN A 278 20.01 0.85 1.85
C ASN A 278 20.47 -0.58 1.57
N TYR A 279 21.00 -0.82 0.38
CA TYR A 279 21.54 -2.15 0.06
C TYR A 279 22.76 -2.44 0.94
N LEU A 280 23.78 -1.58 0.84
CA LEU A 280 25.01 -1.68 1.66
C LEU A 280 24.71 -2.01 3.11
N LYS A 281 23.88 -1.16 3.71
CA LYS A 281 23.39 -1.37 5.06
CA LYS A 281 23.38 -1.36 5.06
C LYS A 281 22.72 -2.72 5.18
N GLY A 282 21.83 -3.03 4.24
CA GLY A 282 21.12 -4.31 4.21
C GLY A 282 22.01 -5.56 4.19
N ILE A 283 23.05 -5.55 3.38
CA ILE A 283 23.94 -6.72 3.28
C ILE A 283 25.02 -6.83 4.38
N LEU A 284 25.13 -5.83 5.27
CA LEU A 284 26.14 -5.85 6.38
C LEU A 284 25.58 -5.93 7.79
N GLN A 285 24.30 -5.66 7.96
CA GLN A 285 23.76 -5.34 9.27
C GLN A 285 23.29 -6.54 10.08
N ASP A 286 22.97 -7.64 9.40
CA ASP A 286 22.59 -8.87 10.08
C ASP A 286 23.73 -9.33 10.99
N ARG A 287 24.93 -9.40 10.43
CA ARG A 287 26.14 -9.77 11.17
C ARG A 287 26.59 -8.73 12.19
N GLY A 288 26.31 -7.46 11.92
CA GLY A 288 26.71 -6.37 12.79
C GLY A 288 27.75 -5.53 12.08
N LEU A 289 27.47 -4.23 11.96
CA LEU A 289 28.37 -3.30 11.28
C LEU A 289 29.77 -3.21 11.92
N SER A 290 29.84 -3.34 13.24
CA SER A 290 31.10 -3.21 13.96
C SER A 290 32.03 -4.42 13.78
N ARG A 291 31.62 -5.35 12.95
CA ARG A 291 32.36 -6.55 12.72
C ARG A 291 33.34 -6.23 11.62
N TYR A 292 33.09 -5.13 10.94
CA TYR A 292 33.88 -4.66 9.84
C TYR A 292 34.53 -3.32 10.21
N PRO A 293 35.73 -3.37 10.83
CA PRO A 293 36.30 -2.18 11.42
C PRO A 293 36.82 -1.15 10.41
N ASN A 294 37.21 -1.60 9.21
CA ASN A 294 37.64 -0.67 8.15
C ASN A 294 36.52 0.19 7.58
N LEU A 295 35.27 -0.17 7.87
CA LEU A 295 34.12 0.43 7.22
C LEU A 295 33.95 1.87 7.67
N LEU A 296 33.97 2.06 8.99
CA LEU A 296 33.97 3.39 9.58
C LEU A 296 34.97 4.32 8.91
N ASN A 297 36.19 3.84 8.75
CA ASN A 297 37.30 4.66 8.28
C ASN A 297 37.05 5.07 6.83
N GLN A 298 36.59 4.12 6.04
CA GLN A 298 36.46 4.33 4.61
C GLN A 298 35.28 5.24 4.26
N LEU A 299 34.29 5.30 5.14
CA LEU A 299 33.15 6.19 4.95
C LEU A 299 33.50 7.61 5.39
N LEU A 300 34.15 7.72 6.55
CA LEU A 300 34.69 8.99 7.04
C LEU A 300 35.55 9.67 5.97
N ASP A 301 36.27 8.86 5.19
CA ASP A 301 37.07 9.34 4.06
C ASP A 301 36.24 9.88 2.90
N LEU A 302 35.03 9.34 2.71
CA LEU A 302 34.13 9.82 1.65
C LEU A 302 33.51 11.17 1.99
N GLN A 303 33.29 11.39 3.28
CA GLN A 303 32.62 12.59 3.80
C GLN A 303 33.05 13.91 3.14
N PRO A 304 34.37 14.23 3.15
CA PRO A 304 34.88 15.41 2.45
C PRO A 304 34.12 15.80 1.17
N SER A 305 33.99 14.85 0.25
CA SER A 305 33.43 15.14 -1.07
C SER A 305 32.20 14.29 -1.45
N HIS A 306 31.53 13.69 -0.46
CA HIS A 306 30.30 12.89 -0.71
C HIS A 306 29.29 12.90 0.44
N SER A 307 29.31 13.93 1.29
CA SER A 307 28.53 13.85 2.52
C SER A 307 27.03 14.11 2.33
N SER A 308 26.32 13.07 1.93
CA SER A 308 24.86 13.05 2.01
C SER A 308 24.45 12.80 3.47
N PRO A 309 23.20 13.15 3.83
CA PRO A 309 22.68 12.69 5.13
C PRO A 309 22.65 11.16 5.30
N TYR A 310 22.73 10.41 4.20
CA TYR A 310 22.75 8.94 4.27
C TYR A 310 24.09 8.43 4.81
N LEU A 311 25.18 9.03 4.36
CA LEU A 311 26.52 8.74 4.88
C LEU A 311 26.55 8.97 6.39
N ILE A 312 26.08 10.14 6.79
CA ILE A 312 26.03 10.54 8.20
C ILE A 312 25.20 9.55 9.01
N ALA A 313 24.06 9.14 8.45
CA ALA A 313 23.15 8.22 9.12
C ALA A 313 23.74 6.81 9.23
N PHE A 314 24.49 6.41 8.22
CA PHE A 314 25.20 5.14 8.26
C PHE A 314 26.29 5.24 9.34
N LEU A 315 27.02 6.34 9.38
CA LEU A 315 28.02 6.56 10.45
C LEU A 315 27.39 6.30 11.82
N VAL A 316 26.19 6.84 12.03
CA VAL A 316 25.48 6.66 13.30
C VAL A 316 25.14 5.19 13.58
N ASP A 317 24.83 4.43 12.53
CA ASP A 317 24.52 3.00 12.67
C ASP A 317 25.74 2.19 13.13
N ILE A 318 26.90 2.53 12.58
CA ILE A 318 28.15 1.90 12.98
C ILE A 318 28.41 2.19 14.46
N TYR A 319 28.28 3.44 14.86
CA TYR A 319 28.54 3.83 16.24
C TYR A 319 27.62 3.11 17.23
N GLU A 320 26.37 2.89 16.85
CA GLU A 320 25.42 2.20 17.72
C GLU A 320 25.82 0.72 17.94
N ASP A 321 26.27 0.08 16.86
CA ASP A 321 26.73 -1.32 16.94
C ASP A 321 28.03 -1.40 17.74
N MET A 322 28.93 -0.44 17.54
CA MET A 322 30.17 -0.35 18.33
C MET A 322 29.84 -0.32 19.81
N LEU A 323 28.96 0.60 20.18
CA LEU A 323 28.52 0.77 21.56
C LEU A 323 27.77 -0.45 22.14
N GLU A 324 27.10 -1.20 21.29
CA GLU A 324 26.29 -2.34 21.71
C GLU A 324 27.17 -3.57 21.95
N ASN A 325 28.25 -3.66 21.18
CA ASN A 325 29.23 -4.73 21.33
C ASN A 325 30.39 -4.35 22.26
N GLN A 326 30.14 -3.44 23.20
CA GLN A 326 31.10 -3.09 24.26
C GLN A 326 32.47 -2.68 23.70
N CYS A 327 32.47 -1.74 22.77
CA CYS A 327 33.70 -1.32 22.09
C CYS A 327 34.60 -0.51 23.02
N ASP A 328 35.72 -0.05 22.50
CA ASP A 328 36.66 0.76 23.27
C ASP A 328 35.93 2.09 23.38
N ASN A 329 36.39 2.92 24.32
CA ASN A 329 35.92 4.30 24.44
C ASN A 329 34.47 4.75 24.51
N LYS A 330 33.70 4.10 25.38
CA LYS A 330 32.24 4.14 25.37
C LYS A 330 31.85 5.60 25.55
N GLU A 331 32.21 6.18 26.70
CA GLU A 331 31.89 7.57 27.00
C GLU A 331 31.99 8.43 25.75
N ASP A 332 32.98 8.12 24.90
CA ASP A 332 33.18 8.86 23.66
C ASP A 332 32.44 8.65 22.34
N ILE A 333 32.48 7.42 21.85
CA ILE A 333 31.80 7.09 20.60
C ILE A 333 30.35 7.55 20.61
N LEU A 334 29.72 7.43 21.78
CA LEU A 334 28.33 7.86 21.93
C LEU A 334 28.18 9.35 21.67
N ASN A 335 29.19 10.12 22.09
CA ASN A 335 29.17 11.57 21.89
C ASN A 335 29.29 11.93 20.41
N LYS A 336 30.24 11.31 19.72
CA LYS A 336 30.44 11.56 18.30
C LYS A 336 29.16 11.31 17.51
N ALA A 337 28.41 10.30 17.93
CA ALA A 337 27.15 9.96 17.27
C ALA A 337 26.07 11.00 17.58
N LEU A 338 26.09 11.50 18.82
CA LEU A 338 25.12 12.50 19.25
C LEU A 338 25.35 13.79 18.47
N GLU A 339 26.62 14.17 18.33
CA GLU A 339 26.97 15.26 17.43
C GLU A 339 26.24 15.04 16.09
N LEU A 340 26.30 13.81 15.56
CA LEU A 340 25.72 13.47 14.26
C LEU A 340 24.19 13.50 14.22
N CYS A 341 23.55 12.87 15.21
CA CYS A 341 22.10 12.91 15.35
C CYS A 341 21.59 14.35 15.34
N GLU A 342 22.23 15.16 16.18
CA GLU A 342 21.94 16.57 16.30
C GLU A 342 22.05 17.27 14.94
N ILE A 343 23.13 17.03 14.23
CA ILE A 343 23.33 17.62 12.91
C ILE A 343 22.16 17.23 11.96
N LEU A 344 21.70 15.98 12.08
CA LEU A 344 20.58 15.48 11.28
C LEU A 344 19.22 16.11 11.65
N ALA A 345 18.85 16.04 12.93
CA ALA A 345 17.57 16.60 13.40
C ALA A 345 17.44 18.10 13.16
N LYS A 346 18.60 18.77 13.11
CA LYS A 346 18.69 20.22 13.20
C LYS A 346 18.99 20.89 11.87
N GLU A 347 19.77 20.22 11.04
CA GLU A 347 20.43 20.87 9.91
C GLU A 347 20.30 20.05 8.62
N LYS A 348 20.72 18.79 8.68
CA LYS A 348 20.91 17.99 7.47
C LYS A 348 19.73 17.10 7.04
N ASP A 349 18.83 16.79 7.96
CA ASP A 349 17.73 15.88 7.71
C ASP A 349 16.56 16.16 8.65
N THR A 350 16.10 17.41 8.66
CA THR A 350 15.08 17.86 9.61
C THR A 350 13.67 17.27 9.41
N ILE A 351 13.36 16.72 8.24
CA ILE A 351 12.04 16.08 8.02
C ILE A 351 11.91 14.93 9.02
N ARG A 352 13.04 14.31 9.35
CA ARG A 352 13.10 13.22 10.33
C ARG A 352 13.55 13.66 11.74
N LYS A 353 13.36 14.94 12.07
CA LYS A 353 13.74 15.46 13.41
C LYS A 353 13.24 14.58 14.57
N GLU A 354 11.99 14.13 14.52
CA GLU A 354 11.45 13.29 15.62
C GLU A 354 12.10 11.90 15.67
N TYR A 355 12.58 11.41 14.53
CA TYR A 355 13.27 10.13 14.50
C TYR A 355 14.64 10.28 15.14
N TRP A 356 15.42 11.22 14.63
CA TRP A 356 16.78 11.45 15.07
C TRP A 356 16.88 11.93 16.52
N ARG A 357 15.94 12.76 16.95
CA ARG A 357 15.79 13.06 18.38
C ARG A 357 15.77 11.76 19.15
N TYR A 358 14.82 10.88 18.78
CA TYR A 358 14.56 9.65 19.52
C TYR A 358 15.75 8.70 19.52
N ILE A 359 16.50 8.65 18.41
CA ILE A 359 17.70 7.85 18.38
C ILE A 359 18.66 8.40 19.45
N GLY A 360 18.92 9.71 19.41
CA GLY A 360 19.67 10.40 20.45
C GLY A 360 19.26 9.97 21.86
N ARG A 361 17.98 10.14 22.18
CA ARG A 361 17.48 9.75 23.50
C ARG A 361 17.69 8.25 23.81
N SER A 362 17.58 7.40 22.79
CA SER A 362 17.80 5.96 22.96
C SER A 362 19.26 5.66 23.28
N LEU A 363 20.16 6.23 22.48
CA LEU A 363 21.60 6.06 22.66
C LEU A 363 22.11 6.61 23.99
N GLN A 364 21.58 7.76 24.40
CA GLN A 364 21.89 8.35 25.71
C GLN A 364 21.47 7.41 26.81
N SER A 365 20.22 6.97 26.77
CA SER A 365 19.64 6.25 27.89
C SER A 365 20.33 4.92 28.14
N LYS A 366 21.03 4.38 27.14
CA LYS A 366 21.65 3.07 27.27
C LYS A 366 23.19 3.02 27.15
N HIS A 367 23.84 4.11 26.75
CA HIS A 367 25.30 4.10 26.57
C HIS A 367 26.11 5.24 27.23
N SER A 368 25.54 6.00 28.16
CA SER A 368 26.32 7.06 28.83
C SER A 368 27.20 6.49 29.96
N ARG A 369 27.68 7.35 30.85
CA ARG A 369 28.17 6.85 32.13
C ARG A 369 26.91 6.62 32.93
N GLU A 370 26.61 5.36 33.16
CA GLU A 370 25.32 4.89 33.70
C GLU A 370 25.24 3.37 33.73
N VAL B 18 9.12 39.55 12.97
CA VAL B 18 8.03 39.79 11.95
C VAL B 18 8.31 39.02 10.65
N TRP B 19 9.57 38.62 10.44
CA TRP B 19 9.96 37.91 9.20
C TRP B 19 9.94 36.38 9.37
N SER B 20 8.99 35.86 10.13
CA SER B 20 8.97 34.44 10.49
C SER B 20 7.84 33.65 9.82
N GLU B 21 8.21 32.75 8.92
CA GLU B 21 7.24 31.94 8.18
C GLU B 21 6.75 30.77 9.02
N PRO B 22 5.42 30.71 9.29
CA PRO B 22 4.91 29.58 10.07
C PRO B 22 4.86 28.26 9.29
N LEU B 23 4.79 28.34 7.97
CA LEU B 23 4.66 27.14 7.15
C LEU B 23 6.05 26.62 6.79
N TYR B 24 6.36 25.43 7.29
CA TYR B 24 7.66 24.76 7.10
C TYR B 24 8.07 24.68 5.64
N SER B 25 7.11 24.33 4.77
CA SER B 25 7.33 24.24 3.32
C SER B 25 7.72 25.55 2.64
N LEU B 26 7.39 26.68 3.26
CA LEU B 26 7.61 28.01 2.63
C LEU B 26 8.86 28.75 3.12
N ARG B 27 9.56 28.18 4.09
CA ARG B 27 10.74 28.85 4.66
C ARG B 27 11.91 28.84 3.67
N PRO B 28 12.81 29.84 3.76
CA PRO B 28 13.83 29.94 2.74
C PRO B 28 14.78 28.74 2.74
N GLU B 29 15.10 28.22 3.92
CA GLU B 29 16.00 27.07 4.04
C GLU B 29 15.42 25.78 3.44
N HIS B 30 14.11 25.76 3.19
CA HIS B 30 13.46 24.62 2.58
C HIS B 30 13.95 24.33 1.17
N ALA B 31 14.44 25.36 0.47
CA ALA B 31 14.94 25.23 -0.89
C ALA B 31 16.16 24.33 -0.99
N ARG B 32 16.83 24.12 0.16
CA ARG B 32 17.97 23.21 0.26
C ARG B 32 17.53 21.75 0.15
N GLU B 33 16.27 21.49 0.44
CA GLU B 33 15.73 20.13 0.38
C GLU B 33 15.40 19.63 -1.02
N ARG B 34 15.62 20.45 -2.05
CA ARG B 34 15.43 20.01 -3.43
C ARG B 34 16.42 18.87 -3.77
N LEU B 35 15.99 18.01 -4.69
CA LEU B 35 16.78 16.84 -5.09
C LEU B 35 18.20 17.21 -5.51
N GLN B 36 19.19 16.49 -4.98
CA GLN B 36 20.55 16.54 -5.51
C GLN B 36 20.79 15.32 -6.38
N ASP B 37 20.92 15.53 -7.69
CA ASP B 37 21.05 14.43 -8.66
C ASP B 37 22.50 14.06 -9.01
N ASP B 38 23.47 14.68 -8.33
CA ASP B 38 24.89 14.41 -8.54
C ASP B 38 25.32 14.47 -10.01
N SER B 39 24.58 15.24 -10.81
CA SER B 39 24.79 15.31 -12.26
C SER B 39 24.72 13.95 -12.97
N VAL B 40 24.14 12.95 -12.30
CA VAL B 40 23.86 11.66 -12.92
C VAL B 40 22.34 11.55 -13.06
N GLU B 41 21.88 11.69 -14.29
CA GLU B 41 20.46 11.63 -14.63
C GLU B 41 20.01 10.21 -14.91
N THR B 42 18.90 9.82 -14.29
CA THR B 42 18.19 8.61 -14.67
C THR B 42 16.70 8.92 -14.63
N VAL B 43 15.89 8.04 -15.21
CA VAL B 43 14.43 8.16 -15.20
C VAL B 43 13.93 8.56 -13.80
N THR B 44 14.38 7.84 -12.78
CA THR B 44 14.04 8.12 -11.40
C THR B 44 14.26 9.58 -10.98
N SER B 45 15.43 10.14 -11.29
CA SER B 45 15.74 11.50 -10.86
C SER B 45 15.02 12.52 -11.72
N ILE B 46 14.94 12.26 -13.02
CA ILE B 46 14.16 13.10 -13.93
C ILE B 46 12.71 13.22 -13.44
N GLU B 47 12.09 12.09 -13.11
CA GLU B 47 10.70 12.09 -12.62
C GLU B 47 10.52 12.77 -11.27
N GLN B 48 11.44 12.54 -10.33
CA GLN B 48 11.39 13.20 -9.03
C GLN B 48 11.54 14.72 -9.16
N ALA B 49 12.47 15.15 -10.01
CA ALA B 49 12.68 16.58 -10.28
C ALA B 49 11.40 17.24 -10.83
N LYS B 50 10.72 16.54 -11.73
CA LYS B 50 9.44 16.99 -12.28
C LYS B 50 8.42 17.32 -11.20
N VAL B 51 8.22 16.37 -10.28
CA VAL B 51 7.25 16.55 -9.21
C VAL B 51 7.67 17.74 -8.37
N GLU B 52 8.94 17.83 -8.05
CA GLU B 52 9.46 18.89 -7.20
C GLU B 52 9.31 20.28 -7.79
N GLU B 53 9.48 20.40 -9.10
CA GLU B 53 9.26 21.68 -9.77
C GLU B 53 7.80 22.06 -9.62
N LYS B 54 6.93 21.08 -9.84
CA LYS B 54 5.49 21.27 -9.78
C LYS B 54 5.02 21.65 -8.36
N ILE B 55 5.59 21.01 -7.36
CA ILE B 55 5.23 21.25 -5.96
C ILE B 55 5.77 22.60 -5.48
N GLN B 56 7.01 22.92 -5.87
CA GLN B 56 7.59 24.22 -5.54
C GLN B 56 6.69 25.34 -6.04
N GLU B 57 6.18 25.20 -7.26
CA GLU B 57 5.31 26.23 -7.81
C GLU B 57 4.01 26.34 -6.99
N VAL B 58 3.53 25.22 -6.42
CA VAL B 58 2.38 25.30 -5.50
C VAL B 58 2.77 26.05 -4.21
N PHE B 59 3.88 25.67 -3.60
CA PHE B 59 4.40 26.37 -2.42
C PHE B 59 4.61 27.88 -2.68
N SER B 60 5.19 28.23 -3.83
CA SER B 60 5.52 29.62 -4.18
C SER B 60 4.33 30.49 -4.59
N SER B 61 3.18 29.87 -4.86
CA SER B 61 1.99 30.58 -5.37
C SER B 61 1.65 31.84 -4.56
N TYR B 62 1.80 31.74 -3.24
CA TYR B 62 1.43 32.82 -2.31
C TYR B 62 2.28 34.08 -2.51
N LYS B 63 3.59 33.91 -2.49
CA LYS B 63 4.52 35.02 -2.73
C LYS B 63 4.32 35.64 -4.11
N PHE B 64 4.14 34.79 -5.13
CA PHE B 64 4.05 35.24 -6.52
C PHE B 64 2.76 36.05 -6.78
N ASN B 65 1.66 35.66 -6.15
CA ASN B 65 0.40 36.42 -6.26
C ASN B 65 0.28 37.54 -5.22
N HIS B 66 1.28 37.65 -4.33
CA HIS B 66 1.32 38.68 -3.28
C HIS B 66 0.12 38.62 -2.36
N LEU B 67 -0.07 37.45 -1.75
CA LEU B 67 -1.12 37.19 -0.79
C LEU B 67 -0.54 36.36 0.36
N VAL B 68 -1.12 36.52 1.55
CA VAL B 68 -0.68 35.76 2.72
C VAL B 68 -1.31 34.35 2.66
N PRO B 69 -0.49 33.30 2.88
CA PRO B 69 -1.03 31.93 2.93
C PRO B 69 -1.89 31.63 4.16
N ARG B 70 -3.02 30.94 3.96
CA ARG B 70 -3.54 30.08 5.03
C ARG B 70 -4.31 28.89 4.51
N LEU B 71 -4.11 27.79 5.23
CA LEU B 71 -4.52 26.48 4.80
C LEU B 71 -5.89 26.18 5.35
N VAL B 72 -6.82 25.97 4.42
CA VAL B 72 -8.20 25.65 4.73
C VAL B 72 -8.55 24.30 4.11
N LEU B 73 -9.06 23.38 4.94
CA LEU B 73 -9.61 22.14 4.44
C LEU B 73 -11.00 22.49 3.91
N GLN B 74 -11.21 22.28 2.63
CA GLN B 74 -12.46 22.68 1.96
C GLN B 74 -13.59 21.71 2.28
N ARG B 75 -13.99 21.70 3.54
CA ARG B 75 -14.94 20.73 4.10
C ARG B 75 -16.29 20.64 3.35
N GLU B 76 -16.82 21.78 2.92
CA GLU B 76 -18.10 21.80 2.23
C GLU B 76 -18.01 21.19 0.85
N LYS B 77 -16.98 21.55 0.10
CA LYS B 77 -16.79 20.96 -1.23
C LYS B 77 -16.62 19.45 -1.09
N HIS B 78 -15.81 19.03 -0.11
CA HIS B 78 -15.55 17.60 0.10
C HIS B 78 -16.86 16.89 0.43
N PHE B 79 -17.64 17.48 1.32
CA PHE B 79 -18.93 16.93 1.76
C PHE B 79 -19.89 16.70 0.58
N HIS B 80 -20.03 17.68 -0.30
CA HIS B 80 -20.97 17.54 -1.41
CA HIS B 80 -20.92 17.60 -1.48
C HIS B 80 -20.52 16.47 -2.40
N TYR B 81 -19.22 16.42 -2.68
CA TYR B 81 -18.62 15.35 -3.50
C TYR B 81 -18.99 13.98 -2.93
N LEU B 82 -18.84 13.83 -1.60
CA LEU B 82 -19.09 12.55 -0.92
C LEU B 82 -20.56 12.19 -0.83
N LYS B 83 -21.40 13.15 -0.45
CA LYS B 83 -22.83 12.85 -0.23
C LYS B 83 -23.49 12.43 -1.55
N ARG B 84 -23.06 13.06 -2.64
CA ARG B 84 -23.52 12.71 -3.98
C ARG B 84 -23.04 11.31 -4.44
N GLY B 85 -21.74 11.05 -4.30
CA GLY B 85 -21.17 9.74 -4.64
C GLY B 85 -21.73 8.60 -3.83
N LEU B 86 -22.20 8.85 -2.61
CA LEU B 86 -22.76 7.77 -1.80
C LEU B 86 -24.03 7.21 -2.46
N ARG B 87 -24.69 8.04 -3.27
CA ARG B 87 -25.88 7.64 -4.00
C ARG B 87 -25.65 7.21 -5.41
N GLN B 88 -24.91 8.01 -6.15
CA GLN B 88 -24.85 7.87 -7.59
C GLN B 88 -23.48 8.26 -8.13
N LEU B 89 -23.00 7.46 -9.08
CA LEU B 89 -21.69 7.65 -9.68
C LEU B 89 -21.89 7.59 -11.20
N THR B 90 -21.10 8.36 -11.94
CA THR B 90 -21.12 8.37 -13.42
C THR B 90 -20.45 7.11 -13.98
N ASP B 91 -20.51 6.90 -15.30
CA ASP B 91 -19.88 5.72 -15.91
C ASP B 91 -18.34 5.72 -15.83
N ALA B 92 -17.78 6.77 -15.25
CA ALA B 92 -16.36 6.80 -14.94
C ALA B 92 -15.95 5.80 -13.85
N TYR B 93 -16.87 5.43 -12.96
CA TYR B 93 -16.57 4.43 -11.90
C TYR B 93 -16.95 2.98 -12.32
N GLU B 94 -17.22 2.77 -13.62
CA GLU B 94 -17.35 1.42 -14.19
C GLU B 94 -16.19 0.49 -13.81
N CYS B 95 -14.98 1.04 -13.78
CA CYS B 95 -13.80 0.28 -13.35
C CYS B 95 -13.86 -0.18 -11.87
N LEU B 96 -14.79 0.37 -11.09
CA LEU B 96 -14.99 -0.04 -9.68
C LEU B 96 -16.32 -0.79 -9.46
N ASP B 97 -16.90 -1.32 -10.52
CA ASP B 97 -18.16 -2.05 -10.44
C ASP B 97 -18.02 -3.36 -9.65
N ALA B 98 -16.78 -3.84 -9.48
CA ALA B 98 -16.49 -5.00 -8.62
C ALA B 98 -15.92 -4.60 -7.23
N SER B 99 -16.07 -3.33 -6.86
CA SER B 99 -15.53 -2.75 -5.63
C SER B 99 -16.55 -1.82 -4.96
N ARG B 100 -17.83 -2.16 -5.04
CA ARG B 100 -18.83 -1.24 -4.51
C ARG B 100 -18.83 -1.12 -2.99
N PRO B 101 -18.58 -2.22 -2.25
CA PRO B 101 -18.42 -2.00 -0.81
C PRO B 101 -17.22 -1.11 -0.46
N TRP B 102 -16.17 -1.11 -1.28
CA TRP B 102 -15.05 -0.21 -1.09
C TRP B 102 -15.50 1.23 -1.12
N LEU B 103 -16.34 1.54 -2.10
CA LEU B 103 -16.87 2.89 -2.26
C LEU B 103 -17.70 3.29 -1.05
N CYS B 104 -18.51 2.36 -0.51
CA CYS B 104 -19.24 2.61 0.72
C CYS B 104 -18.29 2.92 1.85
N TYR B 105 -17.23 2.12 2.00
CA TYR B 105 -16.27 2.34 3.08
C TYR B 105 -15.51 3.63 2.89
N TRP B 106 -14.94 3.88 1.71
CA TRP B 106 -14.18 5.13 1.50
C TRP B 106 -15.05 6.36 1.77
N ILE B 107 -16.31 6.30 1.35
CA ILE B 107 -17.19 7.48 1.41
C ILE B 107 -17.69 7.68 2.84
N LEU B 108 -18.23 6.62 3.45
CA LEU B 108 -18.67 6.71 4.84
C LEU B 108 -17.55 7.08 5.82
N HIS B 109 -16.33 6.61 5.58
CA HIS B 109 -15.21 6.92 6.46
C HIS B 109 -14.79 8.39 6.30
N SER B 110 -14.70 8.85 5.06
CA SER B 110 -14.45 10.27 4.78
C SER B 110 -15.52 11.16 5.47
N LEU B 111 -16.79 10.78 5.40
CA LEU B 111 -17.86 11.51 6.10
C LEU B 111 -17.73 11.47 7.64
N GLU B 112 -17.32 10.33 8.19
CA GLU B 112 -17.13 10.22 9.64
C GLU B 112 -15.92 11.06 10.10
N LEU B 113 -14.87 11.12 9.29
CA LEU B 113 -13.73 11.99 9.59
C LEU B 113 -14.10 13.50 9.55
N LEU B 114 -15.00 13.87 8.64
CA LEU B 114 -15.48 15.26 8.52
C LEU B 114 -16.62 15.57 9.48
N ASP B 115 -16.95 14.61 10.34
CA ASP B 115 -17.97 14.78 11.39
C ASP B 115 -19.37 15.05 10.82
N GLU B 116 -19.74 14.33 9.77
CA GLU B 116 -21.06 14.44 9.17
C GLU B 116 -21.86 13.20 9.56
N PRO B 117 -23.04 13.39 10.19
CA PRO B 117 -23.82 12.20 10.53
C PRO B 117 -24.42 11.54 9.31
N ILE B 118 -24.80 10.28 9.44
CA ILE B 118 -25.38 9.51 8.36
C ILE B 118 -26.89 9.47 8.54
N PRO B 119 -27.66 10.10 7.64
CA PRO B 119 -29.11 9.94 7.82
C PRO B 119 -29.46 8.48 8.03
N GLN B 120 -30.26 8.21 9.06
CA GLN B 120 -30.60 6.85 9.47
C GLN B 120 -31.07 6.01 8.30
N ILE B 121 -31.66 6.67 7.32
CA ILE B 121 -32.22 6.05 6.15
C ILE B 121 -31.12 5.63 5.16
N VAL B 122 -30.10 6.48 4.98
CA VAL B 122 -28.89 6.14 4.18
C VAL B 122 -28.21 4.95 4.83
N ALA B 123 -28.05 5.02 6.15
CA ALA B 123 -27.56 3.91 6.96
C ALA B 123 -28.25 2.59 6.59
N THR B 124 -29.57 2.64 6.50
CA THR B 124 -30.37 1.45 6.23
C THR B 124 -30.27 1.04 4.76
N ASP B 125 -30.14 2.00 3.86
CA ASP B 125 -29.91 1.72 2.44
C ASP B 125 -28.54 1.07 2.17
N VAL B 126 -27.51 1.54 2.88
CA VAL B 126 -26.19 0.91 2.82
C VAL B 126 -26.27 -0.52 3.34
N CYS B 127 -26.92 -0.67 4.49
CA CYS B 127 -27.14 -1.96 5.11
C CYS B 127 -27.78 -2.95 4.13
N GLN B 128 -28.90 -2.54 3.53
CA GLN B 128 -29.61 -3.41 2.59
C GLN B 128 -28.75 -3.72 1.39
N PHE B 129 -27.96 -2.75 0.93
CA PHE B 129 -27.10 -2.98 -0.21
C PHE B 129 -26.02 -4.01 0.11
N LEU B 130 -25.34 -3.85 1.25
CA LEU B 130 -24.26 -4.76 1.62
C LEU B 130 -24.78 -6.17 1.91
N GLU B 131 -26.04 -6.24 2.32
CA GLU B 131 -26.76 -7.50 2.45
C GLU B 131 -26.87 -8.23 1.11
N LEU B 132 -27.16 -7.48 0.05
CA LEU B 132 -27.17 -8.01 -1.32
C LEU B 132 -25.79 -8.45 -1.83
N CYS B 133 -24.73 -7.83 -1.30
CA CYS B 133 -23.35 -8.17 -1.68
C CYS B 133 -22.83 -9.41 -0.93
N GLN B 134 -23.46 -9.73 0.19
CA GLN B 134 -23.02 -10.82 1.06
C GLN B 134 -23.29 -12.16 0.42
N SER B 135 -22.30 -13.03 0.43
CA SER B 135 -22.42 -14.36 -0.16
C SER B 135 -23.05 -15.34 0.83
N PRO B 136 -23.90 -16.27 0.35
CA PRO B 136 -24.44 -17.31 1.25
C PRO B 136 -23.35 -18.21 1.86
N ASP B 137 -22.21 -18.34 1.25
CA ASP B 137 -21.19 -19.13 1.84
C ASP B 137 -20.24 -18.32 2.78
N GLY B 138 -20.52 -17.03 2.98
CA GLY B 138 -19.74 -16.19 3.88
C GLY B 138 -18.94 -15.15 3.11
N GLY B 139 -18.72 -14.00 3.74
CA GLY B 139 -17.98 -12.92 3.10
C GLY B 139 -18.84 -12.10 2.16
N PHE B 140 -18.23 -11.06 1.60
CA PHE B 140 -18.92 -10.14 0.68
C PHE B 140 -18.16 -10.05 -0.62
N GLY B 141 -18.91 -9.86 -1.70
CA GLY B 141 -18.35 -9.63 -3.02
C GLY B 141 -18.45 -8.17 -3.39
N GLY B 142 -17.98 -7.85 -4.58
CA GLY B 142 -17.81 -6.46 -5.01
C GLY B 142 -19.09 -5.79 -5.44
N GLY B 143 -20.17 -6.55 -5.42
CA GLY B 143 -21.46 -6.11 -5.95
C GLY B 143 -22.44 -7.24 -5.78
N PRO B 144 -23.74 -6.95 -5.96
CA PRO B 144 -24.72 -8.03 -5.78
C PRO B 144 -24.49 -9.18 -6.73
N GLY B 145 -24.57 -10.38 -6.17
CA GLY B 145 -24.36 -11.60 -6.95
C GLY B 145 -22.93 -11.88 -7.36
N GLN B 146 -21.97 -11.08 -6.88
CA GLN B 146 -20.57 -11.33 -7.22
C GLN B 146 -20.01 -12.29 -6.18
N TYR B 147 -19.02 -13.09 -6.57
CA TYR B 147 -18.42 -14.00 -5.64
C TYR B 147 -17.72 -13.21 -4.54
N PRO B 148 -17.56 -13.84 -3.36
CA PRO B 148 -16.92 -13.14 -2.25
C PRO B 148 -15.41 -12.98 -2.42
N HIS B 149 -14.84 -12.04 -1.68
CA HIS B 149 -13.44 -11.70 -1.80
C HIS B 149 -13.11 -10.96 -0.49
N LEU B 150 -11.93 -11.20 0.08
CA LEU B 150 -11.55 -10.58 1.37
C LEU B 150 -11.48 -9.06 1.39
N ALA B 151 -11.14 -8.43 0.26
CA ALA B 151 -11.05 -6.97 0.22
C ALA B 151 -12.43 -6.30 0.43
N PRO B 152 -13.40 -6.59 -0.45
CA PRO B 152 -14.76 -6.11 -0.20
C PRO B 152 -15.41 -6.63 1.09
N THR B 153 -14.97 -7.78 1.61
CA THR B 153 -15.40 -8.25 2.92
C THR B 153 -14.92 -7.32 4.05
N TYR B 154 -13.65 -6.94 3.97
CA TYR B 154 -13.09 -5.95 4.89
C TYR B 154 -13.82 -4.60 4.84
N ALA B 155 -14.09 -4.15 3.62
CA ALA B 155 -14.74 -2.85 3.39
C ALA B 155 -16.18 -2.86 3.90
N ALA B 156 -16.91 -3.94 3.61
CA ALA B 156 -18.27 -4.11 4.05
C ALA B 156 -18.36 -4.10 5.58
N VAL B 157 -17.52 -4.91 6.24
CA VAL B 157 -17.47 -4.96 7.68
C VAL B 157 -17.18 -3.58 8.27
N ASN B 158 -16.13 -2.91 7.78
CA ASN B 158 -15.79 -1.56 8.28
C ASN B 158 -16.91 -0.53 8.10
N ALA B 159 -17.54 -0.54 6.92
CA ALA B 159 -18.68 0.33 6.64
C ALA B 159 -19.82 0.07 7.63
N LEU B 160 -20.12 -1.21 7.85
CA LEU B 160 -21.19 -1.60 8.77
C LEU B 160 -20.87 -1.15 10.20
N CYS B 161 -19.59 -1.21 10.57
CA CYS B 161 -19.17 -0.77 11.89
C CYS B 161 -19.24 0.74 12.03
N ILE B 162 -18.97 1.45 10.94
CA ILE B 162 -19.08 2.90 10.93
C ILE B 162 -20.52 3.30 11.16
N ILE B 163 -21.46 2.62 10.49
CA ILE B 163 -22.89 2.83 10.73
C ILE B 163 -23.20 2.49 12.20
N GLY B 164 -22.84 1.28 12.60
CA GLY B 164 -22.77 0.92 14.00
C GLY B 164 -24.09 0.76 14.74
N THR B 165 -25.16 0.54 13.99
CA THR B 165 -26.46 0.23 14.58
C THR B 165 -26.63 -1.29 14.69
N GLU B 166 -27.57 -1.70 15.53
CA GLU B 166 -27.99 -3.11 15.64
C GLU B 166 -28.27 -3.75 14.28
N GLU B 167 -28.98 -3.01 13.43
CA GLU B 167 -29.29 -3.45 12.09
C GLU B 167 -28.02 -3.78 11.28
N ALA B 168 -27.06 -2.86 11.34
CA ALA B 168 -25.80 -3.00 10.63
C ALA B 168 -25.01 -4.19 11.13
N TYR B 169 -24.88 -4.28 12.46
CA TYR B 169 -24.15 -5.39 13.05
C TYR B 169 -24.78 -6.74 12.66
N ASN B 170 -26.08 -6.78 12.54
CA ASN B 170 -26.75 -8.02 12.28
C ASN B 170 -26.82 -8.47 10.83
N VAL B 171 -26.35 -7.65 9.92
CA VAL B 171 -26.23 -8.05 8.53
C VAL B 171 -25.19 -9.12 8.44
N ILE B 172 -24.14 -8.99 9.22
CA ILE B 172 -23.01 -9.91 9.15
C ILE B 172 -23.35 -11.30 9.70
N ASN B 173 -23.21 -12.31 8.84
CA ASN B 173 -23.38 -13.69 9.23
C ASN B 173 -22.02 -14.21 9.69
N ARG B 174 -21.82 -14.22 11.01
CA ARG B 174 -20.51 -14.52 11.60
C ARG B 174 -20.06 -15.97 11.40
N GLU B 175 -21.02 -16.90 11.42
CA GLU B 175 -20.74 -18.34 11.27
C GLU B 175 -20.13 -18.58 9.91
N LYS B 176 -20.83 -18.08 8.90
CA LYS B 176 -20.41 -18.20 7.51
C LYS B 176 -19.11 -17.46 7.27
N LEU B 177 -18.98 -16.26 7.85
CA LEU B 177 -17.73 -15.51 7.74
C LEU B 177 -16.52 -16.36 8.16
N LEU B 178 -16.64 -17.04 9.30
CA LEU B 178 -15.55 -17.86 9.82
C LEU B 178 -15.25 -19.04 8.89
N GLN B 179 -16.29 -19.68 8.37
CA GLN B 179 -16.12 -20.74 7.35
C GLN B 179 -15.36 -20.22 6.16
N TYR B 180 -15.80 -19.06 5.68
CA TYR B 180 -15.18 -18.44 4.52
C TYR B 180 -13.69 -18.22 4.81
N LEU B 181 -13.37 -17.66 5.99
CA LEU B 181 -11.98 -17.43 6.35
C LEU B 181 -11.18 -18.74 6.41
N TYR B 182 -11.75 -19.78 7.01
CA TYR B 182 -11.09 -21.10 7.00
C TYR B 182 -10.89 -21.63 5.59
N SER B 183 -11.82 -21.33 4.68
CA SER B 183 -11.69 -21.78 3.29
C SER B 183 -10.50 -21.14 2.61
N LEU B 184 -10.13 -19.94 3.02
CA LEU B 184 -9.00 -19.23 2.42
C LEU B 184 -7.66 -19.50 3.12
N LYS B 185 -7.70 -19.92 4.38
CA LYS B 185 -6.48 -20.22 5.18
C LYS B 185 -5.60 -21.28 4.54
N GLN B 186 -4.30 -20.97 4.42
CA GLN B 186 -3.29 -21.88 3.81
C GLN B 186 -2.36 -22.53 4.85
N PRO B 187 -1.73 -23.67 4.50
CA PRO B 187 -0.77 -24.38 5.36
C PRO B 187 0.34 -23.50 5.95
N ASP B 188 0.89 -22.58 5.16
CA ASP B 188 2.09 -21.83 5.57
C ASP B 188 1.81 -20.57 6.41
N GLY B 189 0.58 -20.39 6.90
CA GLY B 189 0.17 -19.17 7.62
C GLY B 189 -0.73 -18.20 6.83
N SER B 190 -0.59 -18.23 5.51
CA SER B 190 -1.18 -17.23 4.64
C SER B 190 -2.68 -17.46 4.37
N PHE B 191 -3.34 -16.45 3.79
CA PHE B 191 -4.74 -16.54 3.33
C PHE B 191 -4.86 -16.19 1.85
N LEU B 192 -5.68 -16.93 1.09
CA LEU B 192 -6.01 -16.53 -0.27
C LEU B 192 -6.90 -15.28 -0.23
N MET B 193 -6.68 -14.36 -1.16
CA MET B 193 -7.53 -13.17 -1.23
CA MET B 193 -7.52 -13.16 -1.35
C MET B 193 -8.97 -13.59 -1.54
N HIS B 194 -9.12 -14.66 -2.32
CA HIS B 194 -10.43 -15.24 -2.63
C HIS B 194 -10.18 -16.64 -3.16
N VAL B 195 -11.23 -17.44 -3.25
CA VAL B 195 -11.11 -18.80 -3.76
C VAL B 195 -10.57 -18.79 -5.19
N GLY B 196 -9.64 -19.70 -5.46
CA GLY B 196 -8.93 -19.75 -6.74
C GLY B 196 -8.00 -18.56 -6.98
N GLY B 197 -7.69 -17.83 -5.90
CA GLY B 197 -6.84 -16.65 -5.97
C GLY B 197 -5.49 -16.90 -5.34
N GLU B 198 -4.74 -15.82 -5.13
CA GLU B 198 -3.46 -15.89 -4.48
C GLU B 198 -3.46 -15.16 -3.15
N VAL B 199 -2.31 -15.26 -2.49
CA VAL B 199 -2.07 -14.72 -1.16
C VAL B 199 -1.23 -13.43 -1.29
N ASP B 200 -1.45 -12.50 -0.37
CA ASP B 200 -0.45 -11.47 -0.04
C ASP B 200 -0.72 -10.97 1.40
N VAL B 201 0.12 -10.08 1.91
CA VAL B 201 -0.07 -9.55 3.27
C VAL B 201 -1.39 -8.82 3.48
N ARG B 202 -1.96 -8.24 2.42
CA ARG B 202 -3.24 -7.55 2.56
C ARG B 202 -4.35 -8.51 2.94
N SER B 203 -4.32 -9.73 2.42
CA SER B 203 -5.39 -10.66 2.77
C SER B 203 -5.36 -11.09 4.24
N ALA B 204 -4.17 -11.21 4.81
CA ALA B 204 -4.03 -11.57 6.23
C ALA B 204 -4.62 -10.44 7.08
N TYR B 205 -4.27 -9.20 6.75
CA TYR B 205 -4.86 -8.03 7.38
C TYR B 205 -6.38 -8.01 7.24
N CYS B 206 -6.89 -8.24 6.03
CA CYS B 206 -8.33 -8.25 5.82
C CYS B 206 -8.98 -9.29 6.75
N ALA B 207 -8.36 -10.47 6.83
CA ALA B 207 -8.85 -11.57 7.67
C ALA B 207 -8.80 -11.21 9.16
N ALA B 208 -7.67 -10.65 9.60
CA ALA B 208 -7.48 -10.27 11.01
C ALA B 208 -8.47 -9.18 11.46
N SER B 209 -8.71 -8.21 10.57
CA SER B 209 -9.61 -7.10 10.84
C SER B 209 -11.04 -7.56 11.04
N VAL B 210 -11.58 -8.27 10.07
CA VAL B 210 -12.95 -8.73 10.15
C VAL B 210 -13.10 -9.78 11.25
N ALA B 211 -12.09 -10.63 11.43
CA ALA B 211 -12.12 -11.68 12.45
C ALA B 211 -12.12 -11.07 13.86
N SER B 212 -11.18 -10.17 14.13
CA SER B 212 -11.09 -9.55 15.46
C SER B 212 -12.31 -8.69 15.79
N LEU B 213 -12.79 -7.89 14.85
CA LEU B 213 -13.95 -7.01 15.09
C LEU B 213 -15.24 -7.77 15.38
N THR B 214 -15.48 -8.85 14.64
CA THR B 214 -16.71 -9.61 14.81
C THR B 214 -16.55 -10.79 15.80
N ASN B 215 -15.39 -10.88 16.46
CA ASN B 215 -15.14 -11.91 17.48
C ASN B 215 -15.26 -13.36 17.00
N ILE B 216 -14.54 -13.72 15.95
CA ILE B 216 -14.62 -15.08 15.43
C ILE B 216 -13.24 -15.75 15.38
N ILE B 217 -12.30 -15.22 16.15
CA ILE B 217 -10.95 -15.77 16.16
C ILE B 217 -10.91 -17.04 17.02
N THR B 218 -10.64 -18.16 16.35
CA THR B 218 -10.41 -19.44 16.99
C THR B 218 -8.91 -19.52 17.32
N PRO B 219 -8.50 -20.54 18.13
CA PRO B 219 -7.09 -20.65 18.50
C PRO B 219 -6.19 -21.01 17.31
N ASP B 220 -6.77 -21.73 16.35
CA ASP B 220 -6.02 -22.19 15.17
C ASP B 220 -6.15 -21.30 13.92
N LEU B 221 -7.05 -20.32 13.93
CA LEU B 221 -7.31 -19.50 12.74
C LEU B 221 -6.02 -18.86 12.19
N PHE B 222 -5.28 -18.19 13.06
CA PHE B 222 -4.08 -17.44 12.63
C PHE B 222 -2.76 -18.13 12.96
N GLU B 223 -2.84 -19.43 13.25
CA GLU B 223 -1.67 -20.29 13.36
C GLU B 223 -0.79 -20.16 12.12
N GLY B 224 0.47 -19.78 12.33
CA GLY B 224 1.42 -19.56 11.24
C GLY B 224 1.38 -18.19 10.59
N THR B 225 0.35 -17.40 10.83
CA THR B 225 0.14 -16.14 10.09
C THR B 225 1.21 -15.08 10.44
N ALA B 226 1.46 -14.87 11.72
CA ALA B 226 2.55 -13.99 12.17
C ALA B 226 3.90 -14.32 11.54
N GLU B 227 4.24 -15.61 11.47
CA GLU B 227 5.52 -16.04 10.89
C GLU B 227 5.52 -15.83 9.38
N TRP B 228 4.40 -16.12 8.72
CA TRP B 228 4.29 -15.83 7.30
C TRP B 228 4.50 -14.32 7.02
N ILE B 229 3.82 -13.46 7.78
CA ILE B 229 4.00 -12.01 7.63
C ILE B 229 5.46 -11.62 7.88
N ALA B 230 6.06 -12.21 8.91
CA ALA B 230 7.46 -11.94 9.27
C ALA B 230 8.41 -12.26 8.13
N ARG B 231 8.13 -13.30 7.35
CA ARG B 231 8.93 -13.64 6.17
C ARG B 231 8.86 -12.57 5.04
N CYS B 232 7.86 -11.71 5.13
CA CYS B 232 7.64 -10.65 4.14
C CYS B 232 8.49 -9.41 4.40
N GLN B 233 8.96 -9.22 5.63
CA GLN B 233 9.93 -8.16 5.92
C GLN B 233 11.25 -8.50 5.25
N ASN B 234 11.87 -7.52 4.61
CA ASN B 234 13.08 -7.78 3.82
C ASN B 234 14.29 -6.95 4.27
N TRP B 235 15.36 -6.98 3.48
CA TRP B 235 16.59 -6.21 3.73
C TRP B 235 16.45 -4.70 3.96
N GLU B 236 15.32 -4.15 3.53
CA GLU B 236 15.04 -2.73 3.63
C GLU B 236 14.46 -2.36 5.00
N GLY B 237 13.83 -3.31 5.67
CA GLY B 237 13.13 -3.03 6.92
C GLY B 237 11.62 -3.02 6.79
N GLY B 238 11.13 -2.67 5.60
CA GLY B 238 9.70 -2.74 5.32
C GLY B 238 9.25 -4.13 4.88
N ILE B 239 7.98 -4.21 4.50
CA ILE B 239 7.33 -5.48 4.15
C ILE B 239 6.84 -5.41 2.69
N GLY B 240 7.11 -6.48 1.94
CA GLY B 240 6.64 -6.67 0.57
C GLY B 240 5.38 -7.51 0.58
N GLY B 241 4.69 -7.62 -0.57
CA GLY B 241 3.43 -8.33 -0.61
C GLY B 241 3.50 -9.81 -0.35
N VAL B 242 4.58 -10.43 -0.81
CA VAL B 242 4.91 -11.82 -0.47
C VAL B 242 6.42 -11.91 -0.22
N PRO B 243 6.89 -13.00 0.42
CA PRO B 243 8.33 -13.09 0.73
C PRO B 243 9.20 -12.88 -0.50
N GLY B 244 10.22 -12.04 -0.38
CA GLY B 244 11.16 -11.75 -1.47
C GLY B 244 10.86 -10.47 -2.24
N MET B 245 9.69 -9.88 -2.02
CA MET B 245 9.27 -8.68 -2.77
C MET B 245 9.66 -7.39 -2.08
N GLU B 246 9.88 -6.35 -2.90
CA GLU B 246 10.26 -5.01 -2.46
C GLU B 246 9.35 -4.48 -1.36
N ALA B 247 9.93 -3.74 -0.41
CA ALA B 247 9.16 -3.17 0.68
C ALA B 247 8.29 -2.03 0.13
N HIS B 248 7.03 -2.02 0.59
CA HIS B 248 6.02 -1.12 0.11
C HIS B 248 5.05 -0.76 1.25
N GLY B 249 4.64 0.50 1.31
CA GLY B 249 3.86 1.02 2.43
C GLY B 249 2.49 0.42 2.66
N GLY B 250 1.81 0.07 1.57
CA GLY B 250 0.50 -0.55 1.67
C GLY B 250 0.60 -1.90 2.32
N TYR B 251 1.55 -2.71 1.87
CA TYR B 251 1.78 -4.02 2.45
C TYR B 251 2.35 -3.91 3.86
N THR B 252 3.20 -2.91 4.10
CA THR B 252 3.85 -2.76 5.42
C THR B 252 2.83 -2.38 6.48
N PHE B 253 1.98 -1.41 6.16
CA PHE B 253 0.86 -1.08 7.00
C PHE B 253 0.06 -2.33 7.33
N CYS B 254 -0.32 -3.08 6.30
CA CYS B 254 -1.19 -4.23 6.49
C CYS B 254 -0.49 -5.31 7.33
N GLY B 255 0.79 -5.53 7.06
CA GLY B 255 1.61 -6.47 7.84
C GLY B 255 1.66 -6.14 9.33
N LEU B 256 2.10 -4.93 9.65
CA LEU B 256 2.22 -4.54 11.06
C LEU B 256 0.86 -4.46 11.76
N ALA B 257 -0.17 -3.92 11.10
CA ALA B 257 -1.49 -3.82 11.75
C ALA B 257 -2.13 -5.18 12.04
N ALA B 258 -1.95 -6.13 11.12
CA ALA B 258 -2.38 -7.51 11.34
C ALA B 258 -1.67 -8.09 12.58
N LEU B 259 -0.35 -7.86 12.67
CA LEU B 259 0.42 -8.36 13.82
C LEU B 259 0.05 -7.69 15.14
N VAL B 260 -0.36 -6.42 15.09
CA VAL B 260 -0.91 -5.75 16.28
C VAL B 260 -2.19 -6.41 16.77
N ILE B 261 -3.09 -6.72 15.84
CA ILE B 261 -4.33 -7.43 16.15
C ILE B 261 -4.01 -8.80 16.73
N LEU B 262 -3.00 -9.47 16.15
CA LEU B 262 -2.58 -10.80 16.60
C LEU B 262 -1.67 -10.76 17.84
N LYS B 263 -1.25 -9.56 18.25
CA LYS B 263 -0.37 -9.37 19.40
C LYS B 263 0.97 -10.06 19.17
N LYS B 264 1.48 -9.96 17.96
CA LYS B 264 2.74 -10.51 17.60
C LYS B 264 3.61 -9.50 16.94
N GLU B 265 3.36 -8.24 17.24
CA GLU B 265 4.20 -7.13 16.83
C GLU B 265 5.68 -7.55 16.84
N ARG B 266 6.05 -8.33 17.86
CA ARG B 266 7.44 -8.75 18.11
C ARG B 266 8.04 -9.68 17.07
N SER B 267 7.20 -10.33 16.27
CA SER B 267 7.68 -11.17 15.18
C SER B 267 8.57 -10.40 14.19
N LEU B 268 8.39 -9.08 14.09
CA LEU B 268 9.23 -8.26 13.20
C LEU B 268 10.40 -7.58 13.91
N ASN B 269 11.41 -7.25 13.11
CA ASN B 269 12.44 -6.32 13.51
C ASN B 269 11.89 -4.90 13.42
N LEU B 270 11.40 -4.39 14.55
CA LEU B 270 10.75 -3.07 14.59
C LEU B 270 11.72 -1.91 14.37
N LYS B 271 13.01 -2.13 14.63
CA LYS B 271 14.01 -1.07 14.50
C LYS B 271 14.31 -0.79 13.02
N SER B 272 14.45 -1.84 12.22
CA SER B 272 14.62 -1.67 10.77
C SER B 272 13.32 -1.14 10.13
N LEU B 273 12.18 -1.56 10.66
CA LEU B 273 10.88 -1.10 10.21
C LEU B 273 10.69 0.41 10.47
N LEU B 274 11.00 0.84 11.69
CA LEU B 274 10.95 2.26 12.03
C LEU B 274 11.85 3.09 11.14
N GLN B 275 13.07 2.59 10.92
CA GLN B 275 14.02 3.32 10.13
C GLN B 275 13.57 3.41 8.67
N TRP B 276 12.89 2.36 8.19
CA TRP B 276 12.45 2.30 6.79
C TRP B 276 11.31 3.29 6.57
N VAL B 277 10.26 3.20 7.38
CA VAL B 277 9.10 4.05 7.17
C VAL B 277 9.44 5.54 7.32
N THR B 278 10.23 5.89 8.34
CA THR B 278 10.59 7.29 8.56
C THR B 278 11.34 7.88 7.36
N SER B 279 12.19 7.05 6.76
CA SER B 279 12.88 7.39 5.51
C SER B 279 11.96 7.66 4.31
N ARG B 280 10.71 7.20 4.38
CA ARG B 280 9.76 7.32 3.27
C ARG B 280 9.07 8.67 3.22
N GLN B 281 9.29 9.52 4.23
CA GLN B 281 8.77 10.88 4.16
C GLN B 281 9.69 11.68 3.27
N MET B 282 9.10 12.46 2.38
CA MET B 282 9.87 13.19 1.37
C MET B 282 10.29 14.52 1.96
N ARG B 283 11.60 14.76 1.97
CA ARG B 283 12.15 15.98 2.57
C ARG B 283 11.62 17.27 1.94
N PHE B 284 11.36 17.26 0.63
CA PHE B 284 10.85 18.48 -0.04
C PHE B 284 9.34 18.57 0.00
N GLU B 285 8.66 17.53 -0.49
CA GLU B 285 7.21 17.56 -0.64
C GLU B 285 6.48 17.53 0.70
N GLY B 286 7.02 16.79 1.67
CA GLY B 286 6.41 16.64 2.99
C GLY B 286 5.51 15.42 3.12
N GLY B 287 5.06 14.91 1.98
CA GLY B 287 4.26 13.71 1.94
C GLY B 287 5.12 12.46 1.97
N PHE B 288 4.48 11.31 1.82
CA PHE B 288 5.19 10.02 1.81
C PHE B 288 5.12 9.37 0.41
N GLN B 289 6.19 8.66 0.08
CA GLN B 289 6.29 7.77 -1.07
C GLN B 289 5.98 6.36 -0.55
N GLY B 290 5.60 5.48 -1.46
CA GLY B 290 5.17 4.12 -1.09
C GLY B 290 6.32 3.15 -1.06
N ARG B 291 7.35 3.47 -1.84
CA ARG B 291 8.60 2.69 -1.93
C ARG B 291 9.76 3.64 -2.05
N CYS B 292 10.96 3.15 -1.73
CA CYS B 292 12.17 3.93 -1.90
C CYS B 292 12.38 4.27 -3.36
N ASN B 293 12.81 5.50 -3.62
CA ASN B 293 13.03 6.03 -4.98
C ASN B 293 11.80 6.12 -5.93
N LYS B 294 10.59 6.12 -5.35
CA LYS B 294 9.39 6.42 -6.12
C LYS B 294 8.77 7.75 -5.68
N LEU B 295 7.67 8.14 -6.30
CA LEU B 295 7.15 9.50 -6.14
C LEU B 295 6.20 9.61 -4.94
N VAL B 296 6.10 10.81 -4.42
CA VAL B 296 5.16 11.14 -3.34
C VAL B 296 3.71 10.84 -3.78
N ASP B 297 2.87 10.50 -2.82
CA ASP B 297 1.46 10.22 -3.10
C ASP B 297 0.62 10.37 -1.83
N GLY B 298 -0.40 11.20 -1.93
CA GLY B 298 -1.36 11.44 -0.87
C GLY B 298 -1.85 10.25 -0.08
N CYS B 299 -2.11 9.10 -0.72
CA CYS B 299 -2.70 7.96 0.03
C CYS B 299 -1.74 7.35 1.06
N TYR B 300 -0.44 7.45 0.79
CA TYR B 300 0.56 6.99 1.75
C TYR B 300 0.59 7.84 3.00
N SER B 301 -0.08 9.00 2.95
CA SER B 301 -0.33 9.78 4.16
C SER B 301 -0.96 8.91 5.24
N PHE B 302 -1.80 7.96 4.83
CA PHE B 302 -2.26 6.97 5.77
C PHE B 302 -1.35 5.74 5.85
N TRP B 303 -1.14 5.06 4.73
CA TRP B 303 -0.44 3.77 4.78
C TRP B 303 0.88 3.87 5.52
N GLN B 304 1.68 4.88 5.17
CA GLN B 304 3.00 5.08 5.76
C GLN B 304 2.89 5.77 7.14
N ALA B 305 2.29 6.96 7.20
CA ALA B 305 2.19 7.67 8.46
C ALA B 305 1.42 6.90 9.56
N GLY B 306 0.42 6.11 9.18
CA GLY B 306 -0.33 5.24 10.14
C GLY B 306 0.51 4.14 10.82
N LEU B 307 1.66 3.83 10.23
CA LEU B 307 2.62 2.93 10.87
C LEU B 307 3.22 3.52 12.15
N LEU B 308 3.30 4.84 12.22
CA LEU B 308 3.92 5.49 13.38
C LEU B 308 3.13 5.30 14.68
N PRO B 309 1.82 5.56 14.67
CA PRO B 309 1.06 5.21 15.87
C PRO B 309 1.18 3.73 16.25
N LEU B 310 1.29 2.86 15.25
CA LEU B 310 1.36 1.43 15.50
C LEU B 310 2.69 1.03 16.12
N LEU B 311 3.79 1.61 15.62
CA LEU B 311 5.12 1.35 16.19
C LEU B 311 5.23 1.96 17.60
N HIS B 312 4.51 3.05 17.84
CA HIS B 312 4.54 3.72 19.15
C HIS B 312 3.97 2.81 20.23
N ARG B 313 2.80 2.24 19.95
CA ARG B 313 2.13 1.33 20.87
C ARG B 313 2.97 0.06 21.09
N ALA B 314 3.60 -0.43 20.03
CA ALA B 314 4.47 -1.60 20.10
C ALA B 314 5.71 -1.33 20.94
N LEU B 315 6.47 -0.30 20.60
CA LEU B 315 7.72 0.04 21.29
C LEU B 315 7.48 0.47 22.74
N HIS B 316 6.38 1.16 22.98
CA HIS B 316 5.97 1.56 24.33
C HIS B 316 5.62 0.34 25.19
N ALA B 317 4.95 -0.64 24.59
CA ALA B 317 4.59 -1.88 25.31
C ALA B 317 5.82 -2.73 25.66
N GLN B 318 6.95 -2.48 25.00
CA GLN B 318 8.23 -3.10 25.34
C GLN B 318 9.02 -2.30 26.38
N GLY B 319 8.50 -1.13 26.75
CA GLY B 319 9.13 -0.29 27.77
C GLY B 319 10.19 0.66 27.23
N ASP B 320 10.03 1.09 25.97
CA ASP B 320 10.95 2.06 25.37
C ASP B 320 10.85 3.39 26.11
N PRO B 321 11.90 3.75 26.88
CA PRO B 321 11.79 4.94 27.71
C PRO B 321 12.02 6.23 26.92
N ALA B 322 12.47 6.10 25.68
CA ALA B 322 12.89 7.25 24.87
C ALA B 322 11.79 7.79 23.94
N LEU B 323 10.57 7.27 24.05
CA LEU B 323 9.47 7.71 23.19
C LEU B 323 8.91 9.07 23.60
N SER B 324 8.55 9.88 22.60
CA SER B 324 7.89 11.16 22.82
C SER B 324 6.50 10.96 23.44
N MET B 325 6.10 11.90 24.28
CA MET B 325 4.76 11.91 24.86
C MET B 325 3.85 12.94 24.18
N SER B 326 4.35 13.57 23.11
CA SER B 326 3.60 14.60 22.38
C SER B 326 3.47 14.40 20.86
N HIS B 327 4.37 13.63 20.25
CA HIS B 327 4.49 13.55 18.80
C HIS B 327 4.81 12.17 18.27
N TRP B 328 4.19 11.84 17.15
CA TRP B 328 4.56 10.67 16.36
C TRP B 328 5.94 10.91 15.77
N MET B 329 6.64 9.83 15.42
CA MET B 329 7.98 9.94 14.84
C MET B 329 8.01 10.24 13.31
N PHE B 330 7.27 11.27 12.92
CA PHE B 330 7.35 11.84 11.57
C PHE B 330 6.96 13.32 11.64
N HIS B 331 7.30 14.06 10.59
CA HIS B 331 7.01 15.49 10.54
C HIS B 331 5.52 15.65 10.29
N GLN B 332 4.76 15.71 11.37
CA GLN B 332 3.30 15.85 11.33
C GLN B 332 2.90 17.11 10.60
N GLN B 333 3.62 18.19 10.86
CA GLN B 333 3.37 19.48 10.24
C GLN B 333 3.55 19.42 8.73
N ALA B 334 4.69 18.91 8.27
CA ALA B 334 4.95 18.86 6.83
C ALA B 334 3.94 17.96 6.10
N LEU B 335 3.47 16.89 6.73
CA LEU B 335 2.50 16.03 6.08
C LEU B 335 1.18 16.78 5.90
N GLN B 336 0.78 17.57 6.89
CA GLN B 336 -0.42 18.39 6.80
C GLN B 336 -0.31 19.46 5.74
N GLU B 337 0.88 20.05 5.61
CA GLU B 337 1.10 21.06 4.59
C GLU B 337 1.03 20.45 3.20
N TYR B 338 1.64 19.28 3.02
CA TYR B 338 1.49 18.54 1.76
C TYR B 338 0.02 18.27 1.41
N ILE B 339 -0.75 17.68 2.32
CA ILE B 339 -2.15 17.34 2.04
C ILE B 339 -2.99 18.59 1.74
N LEU B 340 -2.91 19.57 2.63
CA LEU B 340 -3.76 20.78 2.52
C LEU B 340 -3.42 21.67 1.31
N MET B 341 -2.14 21.82 1.02
CA MET B 341 -1.70 22.67 -0.10
C MET B 341 -1.66 21.95 -1.43
N CYS B 342 -1.36 20.64 -1.42
CA CYS B 342 -1.13 19.91 -2.68
C CYS B 342 -2.17 18.85 -3.02
N CYS B 343 -2.98 18.39 -2.06
CA CYS B 343 -3.83 17.21 -2.32
C CYS B 343 -5.34 17.47 -2.37
N GLN B 344 -5.75 18.74 -2.32
CA GLN B 344 -7.17 19.06 -2.35
C GLN B 344 -7.59 19.43 -3.77
N CYS B 345 -8.72 18.87 -4.21
CA CYS B 345 -9.31 19.28 -5.48
C CYS B 345 -10.21 20.49 -5.21
N PRO B 346 -10.04 21.58 -5.98
CA PRO B 346 -10.89 22.75 -5.74
C PRO B 346 -12.39 22.43 -5.86
N ALA B 347 -12.77 21.46 -6.68
CA ALA B 347 -14.20 21.04 -6.80
C ALA B 347 -14.72 20.13 -5.68
N GLY B 348 -13.84 19.73 -4.74
CA GLY B 348 -14.17 18.73 -3.74
C GLY B 348 -13.46 17.42 -4.03
N GLY B 349 -13.08 16.69 -2.97
CA GLY B 349 -12.26 15.48 -3.11
C GLY B 349 -10.78 15.76 -2.93
N LEU B 350 -10.02 14.68 -2.70
CA LEU B 350 -8.58 14.77 -2.54
C LEU B 350 -7.83 13.84 -3.48
N LEU B 351 -6.50 14.01 -3.53
CA LEU B 351 -5.66 13.62 -4.67
C LEU B 351 -4.36 12.93 -4.28
N ASP B 352 -3.82 12.19 -5.23
CA ASP B 352 -2.48 11.62 -5.17
C ASP B 352 -1.47 12.76 -5.12
N LYS B 353 -1.47 13.57 -6.17
CA LYS B 353 -0.65 14.77 -6.20
C LYS B 353 -1.29 15.77 -7.15
N PRO B 354 -0.79 17.02 -7.19
CA PRO B 354 -1.34 18.03 -8.08
C PRO B 354 -1.35 17.56 -9.52
N GLY B 355 -2.40 17.88 -10.25
CA GLY B 355 -2.45 17.49 -11.64
C GLY B 355 -2.99 16.08 -11.87
N LYS B 356 -3.12 15.30 -10.78
CA LYS B 356 -3.87 14.06 -10.83
C LYS B 356 -5.32 14.40 -10.63
N SER B 357 -6.19 13.48 -11.04
CA SER B 357 -7.61 13.66 -10.89
C SER B 357 -8.10 13.03 -9.58
N ARG B 358 -9.17 13.60 -9.03
CA ARG B 358 -9.63 13.22 -7.71
C ARG B 358 -10.27 11.83 -7.77
N ASP B 359 -10.32 11.13 -6.63
CA ASP B 359 -11.14 9.93 -6.55
C ASP B 359 -11.45 9.68 -5.10
N PHE B 360 -12.33 8.71 -4.84
CA PHE B 360 -12.81 8.48 -3.47
C PHE B 360 -11.80 7.74 -2.57
N TYR B 361 -10.88 6.99 -3.19
CA TYR B 361 -9.83 6.28 -2.47
C TYR B 361 -8.87 7.28 -1.87
N HIS B 362 -8.35 8.16 -2.73
CA HIS B 362 -7.48 9.23 -2.28
C HIS B 362 -8.15 10.22 -1.35
N THR B 363 -9.45 10.43 -1.54
CA THR B 363 -10.19 11.26 -0.61
C THR B 363 -10.18 10.59 0.78
N CYS B 364 -10.45 9.29 0.81
CA CYS B 364 -10.47 8.54 2.09
C CYS B 364 -9.12 8.57 2.79
N TYR B 365 -8.05 8.23 2.07
CA TYR B 365 -6.74 8.04 2.73
C TYR B 365 -5.95 9.33 2.97
N CYS B 366 -6.18 10.36 2.16
CA CYS B 366 -5.66 11.69 2.47
C CYS B 366 -6.25 12.22 3.78
N LEU B 367 -7.57 12.12 3.93
CA LEU B 367 -8.24 12.51 5.17
C LEU B 367 -7.81 11.65 6.36
N SER B 368 -7.73 10.35 6.16
CA SER B 368 -7.26 9.43 7.20
C SER B 368 -5.87 9.82 7.66
N GLY B 369 -4.97 10.07 6.72
CA GLY B 369 -3.61 10.49 7.04
C GLY B 369 -3.56 11.85 7.72
N LEU B 370 -4.37 12.79 7.23
CA LEU B 370 -4.44 14.12 7.87
C LEU B 370 -4.80 13.99 9.35
N SER B 371 -5.80 13.16 9.64
CA SER B 371 -6.26 12.92 11.01
C SER B 371 -5.13 12.38 11.88
N ILE B 372 -4.42 11.38 11.36
CA ILE B 372 -3.29 10.81 12.09
C ILE B 372 -2.23 11.87 12.34
N ALA B 373 -1.98 12.74 11.37
CA ALA B 373 -1.00 13.83 11.54
C ALA B 373 -1.45 14.84 12.60
N GLN B 374 -2.75 14.99 12.79
CA GLN B 374 -3.32 15.94 13.77
C GLN B 374 -3.37 15.42 15.21
N HIS B 375 -3.59 14.11 15.41
CA HIS B 375 -3.87 13.58 16.73
C HIS B 375 -2.84 12.58 17.22
N PHE B 376 -2.08 12.99 18.23
CA PHE B 376 -1.24 12.08 19.00
C PHE B 376 -1.97 11.63 20.27
N GLY B 377 -1.79 10.34 20.59
CA GLY B 377 -2.37 9.73 21.77
C GLY B 377 -1.59 8.53 22.26
N SER B 378 -1.12 8.58 23.51
CA SER B 378 -0.33 7.50 24.13
C SER B 378 -0.53 7.48 25.65
N GLY B 379 -1.47 6.66 26.12
CA GLY B 379 -1.86 6.64 27.54
C GLY B 379 -2.77 7.80 27.85
N ALA B 380 -2.43 8.57 28.89
CA ALA B 380 -3.16 9.80 29.23
C ALA B 380 -2.65 11.01 28.46
N MET B 381 -1.58 10.82 27.70
CA MET B 381 -0.97 11.90 26.91
C MET B 381 -1.73 12.07 25.60
N LEU B 382 -2.41 13.21 25.49
CA LEU B 382 -3.12 13.61 24.28
C LEU B 382 -2.46 14.88 23.80
N HIS B 383 -2.19 14.98 22.50
CA HIS B 383 -1.65 16.21 21.95
C HIS B 383 -1.94 16.41 20.47
N ASP B 384 -2.79 17.39 20.17
CA ASP B 384 -3.10 17.77 18.81
C ASP B 384 -2.11 18.78 18.22
N VAL B 385 -1.93 18.68 16.91
CA VAL B 385 -1.24 19.67 16.11
C VAL B 385 -2.13 19.92 14.88
N VAL B 386 -2.60 21.16 14.70
CA VAL B 386 -3.55 21.43 13.64
C VAL B 386 -3.08 22.60 12.79
N MET B 387 -2.51 22.31 11.65
CA MET B 387 -2.05 23.36 10.75
C MET B 387 -3.21 24.06 10.09
N GLY B 388 -2.99 25.29 9.70
CA GLY B 388 -4.00 26.11 9.07
C GLY B 388 -5.03 26.54 10.08
N VAL B 389 -6.24 26.85 9.59
CA VAL B 389 -7.32 27.29 10.47
C VAL B 389 -7.72 26.15 11.40
N PRO B 390 -8.27 26.48 12.58
CA PRO B 390 -8.59 25.49 13.61
C PRO B 390 -9.75 24.56 13.25
N GLU B 391 -10.60 24.98 12.32
CA GLU B 391 -11.70 24.12 11.82
C GLU B 391 -11.19 22.97 10.97
N ASN B 392 -9.92 23.03 10.54
CA ASN B 392 -9.28 21.91 9.83
C ASN B 392 -9.26 20.60 10.63
N VAL B 393 -9.43 20.67 11.94
CA VAL B 393 -9.34 19.49 12.78
C VAL B 393 -10.41 18.45 12.49
N LEU B 394 -9.94 17.27 12.19
CA LEU B 394 -10.76 16.10 11.88
C LEU B 394 -11.05 15.25 13.12
N GLN B 395 -12.07 14.41 13.00
CA GLN B 395 -12.31 13.35 13.97
C GLN B 395 -11.17 12.34 13.90
N PRO B 396 -10.84 11.72 15.05
CA PRO B 396 -9.72 10.78 15.07
C PRO B 396 -10.08 9.46 14.39
N THR B 397 -9.07 8.71 14.01
CA THR B 397 -9.27 7.41 13.39
C THR B 397 -8.39 6.39 14.09
N HIS B 398 -8.88 5.17 14.22
CA HIS B 398 -8.08 4.11 14.82
C HIS B 398 -7.06 3.60 13.80
N PRO B 399 -5.75 3.67 14.14
CA PRO B 399 -4.67 3.25 13.26
C PRO B 399 -4.65 1.79 12.78
N VAL B 400 -5.38 0.88 13.44
CA VAL B 400 -5.42 -0.50 12.98
C VAL B 400 -6.54 -0.73 11.95
N TYR B 401 -7.73 -0.24 12.26
CA TYR B 401 -8.92 -0.51 11.45
C TYR B 401 -9.28 0.61 10.46
N ASN B 402 -8.72 1.82 10.68
CA ASN B 402 -9.08 3.04 9.96
C ASN B 402 -10.60 3.23 9.88
N ILE B 403 -11.24 3.03 11.03
CA ILE B 403 -12.55 3.59 11.36
C ILE B 403 -12.39 4.35 12.69
N GLY B 404 -13.43 5.08 13.10
CA GLY B 404 -13.39 5.84 14.34
C GLY B 404 -13.09 4.96 15.54
N PRO B 405 -12.17 5.38 16.44
CA PRO B 405 -11.89 4.64 17.69
C PRO B 405 -13.15 4.25 18.47
N ASP B 406 -14.16 5.12 18.44
CA ASP B 406 -15.45 4.82 19.06
C ASP B 406 -16.22 3.67 18.38
N LYS B 407 -16.18 3.66 17.04
CA LYS B 407 -16.86 2.62 16.27
C LYS B 407 -16.22 1.29 16.56
N VAL B 408 -14.89 1.29 16.72
CA VAL B 408 -14.09 0.09 17.01
C VAL B 408 -14.46 -0.50 18.38
N ILE B 409 -14.33 0.33 19.42
CA ILE B 409 -14.62 -0.06 20.80
C ILE B 409 -16.06 -0.61 20.90
N GLN B 410 -17.00 0.16 20.38
CA GLN B 410 -18.40 -0.23 20.32
C GLN B 410 -18.68 -1.56 19.61
N ALA B 411 -17.98 -1.81 18.50
CA ALA B 411 -18.19 -3.03 17.73
C ALA B 411 -17.63 -4.23 18.47
N THR B 412 -16.38 -4.13 18.92
CA THR B 412 -15.71 -5.23 19.62
C THR B 412 -16.51 -5.63 20.87
N THR B 413 -16.97 -4.61 21.60
CA THR B 413 -17.79 -4.80 22.79
C THR B 413 -19.09 -5.55 22.45
N HIS B 414 -19.74 -5.16 21.39
CA HIS B 414 -20.99 -5.80 21.00
C HIS B 414 -20.83 -7.22 20.55
N PHE B 415 -19.75 -7.52 19.87
CA PHE B 415 -19.54 -8.88 19.34
C PHE B 415 -18.90 -9.82 20.37
N LEU B 416 -18.28 -9.25 21.40
CA LEU B 416 -17.83 -10.04 22.56
C LEU B 416 -19.00 -10.61 23.37
N GLN B 417 -20.19 -10.03 23.18
CA GLN B 417 -21.43 -10.57 23.77
C GLN B 417 -21.76 -11.98 23.29
N LYS B 418 -21.36 -12.33 22.08
CA LYS B 418 -21.61 -13.66 21.52
C LYS B 418 -20.32 -14.47 21.56
N PRO B 419 -20.45 -15.81 21.50
CA PRO B 419 -19.26 -16.67 21.55
C PRO B 419 -18.61 -16.84 20.18
N VAL B 420 -17.31 -17.11 20.17
CA VAL B 420 -16.59 -17.45 18.94
C VAL B 420 -17.24 -18.70 18.37
N PRO B 421 -17.74 -18.65 17.11
CA PRO B 421 -18.56 -19.75 16.60
C PRO B 421 -17.92 -21.11 16.85
N GLY B 422 -18.60 -21.93 17.65
CA GLY B 422 -17.98 -23.07 18.33
C GLY B 422 -17.89 -22.76 19.81
N PHE B 423 -19.05 -22.50 20.41
CA PHE B 423 -19.17 -22.13 21.83
C PHE B 423 -20.50 -21.43 22.07
#